data_3H43
#
_entry.id   3H43
#
_cell.length_a   126.640
_cell.length_b   129.620
_cell.length_c   60.610
_cell.angle_alpha   90.00
_cell.angle_beta   90.00
_cell.angle_gamma   90.00
#
_symmetry.space_group_name_H-M   'P 21 21 2'
#
loop_
_entity.id
_entity.type
_entity.pdbx_description
1 polymer 'Proteasome-activating nucleotidase'
2 water water
#
_entity_poly.entity_id   1
_entity_poly.type   'polypeptide(L)'
_entity_poly.pdbx_seq_one_letter_code
;(MSE)KENEILRRELDR(MSE)RVPPLIVGTVVDKVGERKVVVKSSTGPSFLVNVSHFVNPDDLAPGKRVCLNQQTLTVV
DVLPELEHHHHHH
;
_entity_poly.pdbx_strand_id   A,B,C,D,E,F,G,H,I,J,K,L
#
# COMPACT_ATOMS: atom_id res chain seq x y z
N LYS A 2 6.33 15.47 37.75
CA LYS A 2 5.22 14.56 37.96
C LYS A 2 4.15 14.81 36.90
N GLU A 3 4.11 16.03 36.39
CA GLU A 3 3.15 16.41 35.36
C GLU A 3 3.34 15.53 34.13
N ASN A 4 4.60 15.26 33.79
CA ASN A 4 4.92 14.48 32.62
C ASN A 4 4.36 13.06 32.66
N GLU A 5 4.48 12.40 33.80
CA GLU A 5 3.97 11.05 33.95
C GLU A 5 2.46 11.03 33.76
N ILE A 6 1.77 12.03 34.27
CA ILE A 6 0.31 12.13 34.12
C ILE A 6 -0.05 12.31 32.64
N LEU A 7 0.69 13.18 31.97
CA LEU A 7 0.45 13.44 30.56
C LEU A 7 0.78 12.17 29.77
N ARG A 8 1.87 11.50 30.13
CA ARG A 8 2.26 10.31 29.39
C ARG A 8 1.23 9.20 29.53
N ARG A 9 0.64 9.06 30.72
CA ARG A 9 -0.39 8.05 30.92
C ARG A 9 -1.62 8.37 30.09
N GLU A 10 -1.95 9.65 29.96
CA GLU A 10 -3.12 10.03 29.18
C GLU A 10 -2.84 9.77 27.69
N LEU A 11 -1.62 10.04 27.26
CA LEU A 11 -1.27 9.80 25.87
C LEU A 11 -1.35 8.27 25.57
N ASP A 12 -0.85 7.46 26.50
CA ASP A 12 -0.87 6.01 26.32
C ASP A 12 -2.31 5.52 26.14
N ARG A 13 -3.24 6.05 26.91
CA ARG A 13 -4.64 5.64 26.79
C ARG A 13 -5.17 6.05 25.42
N ARG A 15 -3.40 6.45 22.61
CA ARG A 15 -2.70 5.86 21.49
C ARG A 15 -2.92 4.40 21.18
N VAL A 16 -3.57 3.67 22.07
CA VAL A 16 -3.87 2.26 21.87
C VAL A 16 -4.91 2.08 20.79
N PRO A 17 -4.68 1.17 19.83
CA PRO A 17 -5.71 1.01 18.79
C PRO A 17 -7.00 0.52 19.42
N PRO A 18 -8.13 0.91 18.83
CA PRO A 18 -9.44 0.51 19.35
C PRO A 18 -9.82 -0.91 18.93
N LEU A 19 -10.85 -1.45 19.55
CA LEU A 19 -11.30 -2.79 19.21
C LEU A 19 -12.59 -2.66 18.40
N ILE A 20 -12.73 -3.48 17.39
CA ILE A 20 -13.94 -3.47 16.59
C ILE A 20 -15.01 -4.24 17.33
N VAL A 21 -16.23 -3.77 17.25
CA VAL A 21 -17.35 -4.43 17.91
C VAL A 21 -18.17 -5.22 16.89
N GLY A 22 -18.57 -6.42 17.29
CA GLY A 22 -19.37 -7.26 16.41
C GLY A 22 -20.44 -7.95 17.24
N THR A 23 -21.28 -8.73 16.56
CA THR A 23 -22.35 -9.44 17.22
C THR A 23 -22.26 -10.90 16.82
N VAL A 24 -22.33 -11.77 17.81
CA VAL A 24 -22.25 -13.19 17.57
C VAL A 24 -23.52 -13.63 16.84
N VAL A 25 -23.33 -14.36 15.75
CA VAL A 25 -24.45 -14.85 14.97
C VAL A 25 -24.69 -16.30 15.35
N ASP A 26 -23.61 -17.07 15.44
CA ASP A 26 -23.73 -18.46 15.82
C ASP A 26 -22.40 -19.10 16.14
N LYS A 27 -22.42 -20.02 17.10
CA LYS A 27 -21.22 -20.75 17.46
C LYS A 27 -21.21 -21.94 16.52
N VAL A 28 -20.07 -22.23 15.91
CA VAL A 28 -20.00 -23.33 14.96
C VAL A 28 -19.04 -24.42 15.40
N GLY A 29 -18.04 -24.04 16.18
CA GLY A 29 -17.07 -25.00 16.68
C GLY A 29 -16.90 -24.68 18.14
N GLU A 30 -16.08 -25.46 18.85
CA GLU A 30 -15.90 -25.19 20.26
C GLU A 30 -15.18 -23.85 20.43
N ARG A 31 -14.34 -23.50 19.47
CA ARG A 31 -13.57 -22.27 19.54
C ARG A 31 -13.72 -21.37 18.31
N LYS A 32 -14.85 -21.48 17.62
CA LYS A 32 -15.12 -20.69 16.43
C LYS A 32 -16.56 -20.18 16.45
N VAL A 33 -16.76 -18.97 15.95
CA VAL A 33 -18.08 -18.36 15.92
C VAL A 33 -18.22 -17.50 14.68
N VAL A 34 -19.45 -17.34 14.21
CA VAL A 34 -19.70 -16.48 13.09
C VAL A 34 -20.09 -15.18 13.74
N VAL A 35 -19.47 -14.08 13.31
CA VAL A 35 -19.82 -12.80 13.89
C VAL A 35 -20.18 -11.87 12.76
N LYS A 36 -21.15 -11.00 13.04
CA LYS A 36 -21.53 -10.01 12.06
C LYS A 36 -20.78 -8.80 12.56
N SER A 37 -19.76 -8.41 11.81
CA SER A 37 -18.93 -7.28 12.16
C SER A 37 -19.77 -6.03 11.97
N SER A 38 -19.55 -5.04 12.84
CA SER A 38 -20.27 -3.78 12.72
C SER A 38 -19.70 -3.10 11.47
N THR A 39 -18.57 -3.61 10.99
CA THR A 39 -17.95 -3.06 9.79
C THR A 39 -18.76 -3.44 8.55
N GLY A 40 -19.73 -4.35 8.72
CA GLY A 40 -20.58 -4.75 7.60
C GLY A 40 -20.65 -6.24 7.26
N PRO A 41 -19.54 -6.84 6.82
CA PRO A 41 -19.58 -8.27 6.47
C PRO A 41 -19.66 -9.19 7.69
N SER A 42 -19.80 -10.49 7.42
CA SER A 42 -19.84 -11.51 8.46
C SER A 42 -18.61 -12.39 8.27
N PHE A 43 -18.09 -12.89 9.38
CA PHE A 43 -16.89 -13.73 9.31
C PHE A 43 -16.95 -14.88 10.28
N LEU A 44 -16.25 -15.95 9.92
CA LEU A 44 -16.12 -17.09 10.78
C LEU A 44 -14.76 -16.80 11.40
N VAL A 45 -14.73 -16.65 12.72
CA VAL A 45 -13.50 -16.34 13.40
C VAL A 45 -13.21 -17.20 14.62
N ASN A 46 -11.96 -17.14 15.08
CA ASN A 46 -11.54 -17.86 16.29
C ASN A 46 -11.92 -17.05 17.52
N VAL A 47 -12.01 -17.73 18.65
CA VAL A 47 -12.29 -17.12 19.94
C VAL A 47 -10.96 -17.29 20.72
N SER A 48 -10.40 -16.22 21.24
CA SER A 48 -9.14 -16.33 21.96
C SER A 48 -9.26 -17.22 23.20
N HIS A 49 -8.16 -17.83 23.60
CA HIS A 49 -8.15 -18.70 24.74
C HIS A 49 -8.53 -18.06 26.06
N PHE A 50 -8.44 -16.74 26.18
CA PHE A 50 -8.86 -16.12 27.43
C PHE A 50 -10.35 -15.73 27.43
N VAL A 51 -11.08 -16.13 26.38
CA VAL A 51 -12.52 -15.88 26.31
C VAL A 51 -13.21 -17.24 26.41
N ASN A 52 -14.18 -17.36 27.31
CA ASN A 52 -14.88 -18.65 27.46
C ASN A 52 -16.01 -18.73 26.45
N PRO A 53 -15.92 -19.67 25.50
CA PRO A 53 -17.00 -19.80 24.51
C PRO A 53 -18.41 -19.98 25.07
N ASP A 54 -18.53 -20.50 26.30
CA ASP A 54 -19.85 -20.67 26.92
C ASP A 54 -20.51 -19.31 27.13
N ASP A 55 -19.71 -18.25 27.26
CA ASP A 55 -20.27 -16.91 27.46
C ASP A 55 -20.79 -16.32 26.15
N LEU A 56 -20.53 -17.00 25.04
CA LEU A 56 -20.98 -16.48 23.75
C LEU A 56 -22.29 -17.14 23.36
N ALA A 57 -23.17 -16.35 22.76
CA ALA A 57 -24.46 -16.84 22.32
C ALA A 57 -24.97 -15.86 21.27
N PRO A 58 -25.78 -16.33 20.32
CA PRO A 58 -26.29 -15.43 19.28
C PRO A 58 -26.86 -14.15 19.87
N GLY A 59 -26.42 -13.02 19.33
CA GLY A 59 -26.90 -11.73 19.80
C GLY A 59 -25.96 -11.06 20.79
N LYS A 60 -25.00 -11.81 21.29
CA LYS A 60 -24.02 -11.27 22.24
C LYS A 60 -23.07 -10.31 21.50
N ARG A 61 -22.73 -9.18 22.10
CA ARG A 61 -21.82 -8.24 21.45
C ARG A 61 -20.39 -8.55 21.90
N VAL A 62 -19.47 -8.58 20.93
CA VAL A 62 -18.09 -8.94 21.22
C VAL A 62 -17.08 -7.98 20.62
N CYS A 63 -15.86 -8.02 21.14
CA CYS A 63 -14.74 -7.21 20.65
C CYS A 63 -13.85 -8.10 19.80
N LEU A 64 -13.43 -7.58 18.66
CA LEU A 64 -12.61 -8.35 17.73
C LEU A 64 -11.30 -7.62 17.49
N ASN A 65 -10.23 -8.40 17.34
CA ASN A 65 -8.92 -7.84 17.06
C ASN A 65 -8.81 -7.46 15.57
N GLN A 66 -8.27 -6.27 15.32
CA GLN A 66 -8.14 -5.77 13.94
C GLN A 66 -7.27 -6.57 12.97
N GLN A 67 -6.87 -7.78 13.34
CA GLN A 67 -6.06 -8.61 12.45
C GLN A 67 -6.81 -9.86 12.00
N THR A 68 -6.96 -10.84 12.89
CA THR A 68 -7.66 -12.07 12.54
C THR A 68 -9.14 -11.97 12.88
N LEU A 69 -9.56 -10.82 13.41
CA LEU A 69 -10.94 -10.61 13.82
C LEU A 69 -11.33 -11.58 14.94
N THR A 70 -10.32 -12.12 15.62
CA THR A 70 -10.55 -13.03 16.74
C THR A 70 -11.36 -12.33 17.84
N VAL A 71 -12.27 -13.06 18.46
CA VAL A 71 -13.06 -12.52 19.55
C VAL A 71 -12.09 -12.45 20.76
N VAL A 72 -11.88 -11.26 21.32
CA VAL A 72 -10.97 -11.12 22.45
C VAL A 72 -11.68 -10.62 23.70
N ASP A 73 -12.95 -10.28 23.56
CA ASP A 73 -13.73 -9.86 24.70
C ASP A 73 -15.24 -9.89 24.41
N VAL A 74 -16.03 -9.87 25.47
CA VAL A 74 -17.48 -9.85 25.36
C VAL A 74 -17.96 -8.58 26.08
N LEU A 75 -18.89 -7.86 25.46
CA LEU A 75 -19.41 -6.63 26.05
C LEU A 75 -20.62 -6.96 26.91
N PRO A 76 -20.95 -6.09 27.88
CA PRO A 76 -22.10 -6.31 28.77
C PRO A 76 -23.39 -5.92 28.06
N LYS B 2 12.01 19.83 28.00
CA LYS B 2 11.51 19.76 26.64
C LYS B 2 10.53 18.59 26.60
N GLU B 3 10.69 17.70 27.57
CA GLU B 3 9.81 16.53 27.69
C GLU B 3 8.37 16.97 27.90
N ASN B 4 8.17 17.94 28.78
CA ASN B 4 6.83 18.42 29.06
C ASN B 4 6.21 18.98 27.77
N GLU B 5 7.04 19.69 27.01
CA GLU B 5 6.61 20.30 25.76
C GLU B 5 6.35 19.27 24.67
N ILE B 6 7.14 18.21 24.63
CA ILE B 6 6.93 17.20 23.62
C ILE B 6 5.64 16.43 23.90
N LEU B 7 5.37 16.20 25.18
CA LEU B 7 4.16 15.49 25.55
C LEU B 7 2.92 16.33 25.24
N ARG B 8 2.98 17.61 25.61
CA ARG B 8 1.85 18.51 25.36
C ARG B 8 1.66 18.66 23.86
N ARG B 9 2.76 18.70 23.14
CA ARG B 9 2.67 18.84 21.69
C ARG B 9 2.02 17.59 21.08
N GLU B 10 2.35 16.41 21.62
CA GLU B 10 1.79 15.17 21.10
C GLU B 10 0.34 15.03 21.47
N LEU B 11 -0.03 15.54 22.65
CA LEU B 11 -1.42 15.50 23.09
C LEU B 11 -2.30 16.34 22.17
N ASP B 12 -1.84 17.53 21.81
CA ASP B 12 -2.62 18.39 20.92
C ASP B 12 -2.68 17.86 19.49
N ARG B 13 -1.66 17.11 19.09
CA ARG B 13 -1.63 16.56 17.75
C ARG B 13 -2.75 15.52 17.60
N ARG B 15 -5.75 15.84 18.96
CA ARG B 15 -7.08 16.41 19.00
C ARG B 15 -7.35 17.51 18.00
N VAL B 16 -6.41 17.81 17.12
CA VAL B 16 -6.66 18.83 16.11
C VAL B 16 -7.34 18.11 14.96
N PRO B 17 -8.13 18.83 14.14
CA PRO B 17 -8.83 18.22 13.01
C PRO B 17 -7.84 17.56 12.04
N PRO B 18 -8.31 16.63 11.21
CA PRO B 18 -9.69 16.12 11.10
C PRO B 18 -10.07 15.12 12.18
N LEU B 19 -11.32 15.20 12.65
CA LEU B 19 -11.84 14.27 13.66
C LEU B 19 -13.09 13.65 13.05
N ILE B 20 -13.36 12.41 13.44
CA ILE B 20 -14.51 11.69 12.96
C ILE B 20 -15.62 11.88 13.97
N VAL B 21 -16.80 12.22 13.47
CA VAL B 21 -17.95 12.43 14.33
C VAL B 21 -18.52 11.06 14.58
N GLY B 22 -18.89 10.77 15.83
CA GLY B 22 -19.47 9.49 16.16
C GLY B 22 -20.57 9.64 17.19
N THR B 23 -21.20 8.54 17.55
CA THR B 23 -22.27 8.56 18.54
C THR B 23 -22.02 7.55 19.64
N VAL B 24 -22.20 7.98 20.88
CA VAL B 24 -22.00 7.09 22.01
C VAL B 24 -23.11 6.04 22.04
N VAL B 25 -22.74 4.77 22.10
CA VAL B 25 -23.72 3.71 22.18
C VAL B 25 -23.94 3.43 23.66
N ASP B 26 -22.86 3.26 24.41
CA ASP B 26 -22.94 3.02 25.85
C ASP B 26 -21.58 3.04 26.53
N LYS B 27 -21.55 3.47 27.78
CA LYS B 27 -20.31 3.49 28.54
C LYS B 27 -20.09 2.05 28.98
N VAL B 28 -18.83 1.64 29.04
CA VAL B 28 -18.50 0.28 29.43
C VAL B 28 -17.67 0.31 30.70
N GLY B 29 -16.85 1.33 30.83
CA GLY B 29 -16.03 1.49 32.02
C GLY B 29 -16.07 2.96 32.37
N GLU B 30 -15.28 3.37 33.35
CA GLU B 30 -15.27 4.76 33.72
C GLU B 30 -14.65 5.56 32.56
N ARG B 31 -13.75 4.93 31.81
CA ARG B 31 -13.10 5.62 30.70
C ARG B 31 -13.13 4.89 29.36
N LYS B 32 -14.11 4.01 29.18
CA LYS B 32 -14.26 3.29 27.93
C LYS B 32 -15.71 3.33 27.49
N VAL B 33 -15.93 3.55 26.19
CA VAL B 33 -17.28 3.58 25.64
C VAL B 33 -17.29 2.93 24.27
N VAL B 34 -18.45 2.42 23.88
CA VAL B 34 -18.60 1.85 22.57
C VAL B 34 -19.18 3.01 21.79
N VAL B 35 -18.59 3.31 20.63
CA VAL B 35 -19.09 4.39 19.81
C VAL B 35 -19.43 3.92 18.42
N LYS B 36 -20.52 4.44 17.89
CA LYS B 36 -20.94 4.13 16.55
C LYS B 36 -20.31 5.25 15.74
N SER B 37 -19.27 4.92 14.98
CA SER B 37 -18.59 5.89 14.14
C SER B 37 -19.45 6.23 12.93
N SER B 38 -19.48 7.50 12.54
CA SER B 38 -20.27 7.87 11.38
C SER B 38 -19.64 7.25 10.13
N THR B 39 -18.44 6.67 10.27
CA THR B 39 -17.79 6.00 9.15
C THR B 39 -18.44 4.62 9.00
N GLY B 40 -19.34 4.27 9.93
CA GLY B 40 -20.03 2.99 9.85
C GLY B 40 -19.91 1.99 10.99
N PRO B 41 -18.76 1.35 11.17
CA PRO B 41 -18.59 0.36 12.23
C PRO B 41 -18.51 0.88 13.65
N SER B 42 -18.78 0.00 14.61
CA SER B 42 -18.74 0.34 16.03
C SER B 42 -17.41 -0.11 16.64
N PHE B 43 -16.94 0.65 17.61
CA PHE B 43 -15.67 0.34 18.26
C PHE B 43 -15.74 0.63 19.75
N LEU B 44 -14.88 -0.08 20.49
CA LEU B 44 -14.73 0.12 21.93
C LEU B 44 -13.48 1.02 21.96
N VAL B 45 -13.62 2.24 22.45
CA VAL B 45 -12.49 3.17 22.45
C VAL B 45 -12.32 3.79 23.81
N ASN B 46 -11.15 4.38 24.03
CA ASN B 46 -10.84 5.06 25.29
C ASN B 46 -11.36 6.50 25.32
N VAL B 47 -11.79 6.95 26.50
CA VAL B 47 -12.27 8.31 26.66
C VAL B 47 -11.09 9.16 27.17
N SER B 48 -10.68 10.14 26.38
CA SER B 48 -9.55 10.98 26.79
C SER B 48 -9.92 11.84 28.00
N HIS B 49 -8.91 12.36 28.70
CA HIS B 49 -9.14 13.19 29.88
C HIS B 49 -9.67 14.57 29.49
N PHE B 50 -9.78 14.83 28.19
CA PHE B 50 -10.30 16.12 27.73
C PHE B 50 -11.82 16.03 27.71
N VAL B 51 -12.36 14.91 28.16
CA VAL B 51 -13.79 14.70 28.17
C VAL B 51 -14.29 14.25 29.55
N ASN B 52 -15.44 14.79 29.95
CA ASN B 52 -16.04 14.42 31.21
C ASN B 52 -17.01 13.29 30.95
N PRO B 53 -16.70 12.07 31.44
CA PRO B 53 -17.55 10.89 31.27
C PRO B 53 -19.03 11.12 31.51
N ASP B 54 -19.35 12.05 32.41
CA ASP B 54 -20.75 12.32 32.71
C ASP B 54 -21.50 12.81 31.48
N ASP B 55 -20.80 13.50 30.59
CA ASP B 55 -21.41 14.03 29.37
C ASP B 55 -21.53 12.98 28.29
N LEU B 56 -21.19 11.74 28.61
CA LEU B 56 -21.24 10.66 27.63
C LEU B 56 -22.42 9.73 27.79
N ALA B 57 -23.59 10.18 27.39
CA ALA B 57 -24.78 9.35 27.49
C ALA B 57 -25.04 8.74 26.12
N PRO B 58 -25.74 7.61 26.06
CA PRO B 58 -26.01 7.02 24.75
C PRO B 58 -26.76 8.04 23.91
N GLY B 59 -26.31 8.23 22.68
CA GLY B 59 -26.94 9.18 21.80
C GLY B 59 -26.08 10.43 21.65
N LYS B 60 -25.19 10.64 22.61
CA LYS B 60 -24.31 11.82 22.57
C LYS B 60 -23.35 11.80 21.37
N ARG B 61 -23.22 12.94 20.70
CA ARG B 61 -22.33 13.06 19.56
C ARG B 61 -20.95 13.42 20.10
N VAL B 62 -19.92 12.75 19.56
CA VAL B 62 -18.55 12.97 20.02
C VAL B 62 -17.56 13.06 18.89
N CYS B 63 -16.38 13.61 19.18
CA CYS B 63 -15.30 13.74 18.20
C CYS B 63 -14.26 12.67 18.50
N LEU B 64 -13.92 11.90 17.47
CA LEU B 64 -12.98 10.80 17.60
C LEU B 64 -11.67 11.04 16.85
N ASN B 65 -10.55 10.74 17.49
CA ASN B 65 -9.26 10.87 16.83
C ASN B 65 -9.25 9.96 15.58
N GLN B 66 -8.77 10.50 14.47
CA GLN B 66 -8.77 9.76 13.21
C GLN B 66 -7.99 8.45 13.22
N GLN B 67 -6.97 8.37 14.07
CA GLN B 67 -6.15 7.17 14.15
C GLN B 67 -6.59 6.11 15.14
N THR B 68 -7.09 6.52 16.31
CA THR B 68 -7.44 5.55 17.34
C THR B 68 -8.89 5.60 17.78
N LEU B 69 -9.61 6.58 17.27
CA LEU B 69 -11.01 6.82 17.59
C LEU B 69 -11.22 7.17 19.06
N THR B 70 -10.14 7.49 19.77
CA THR B 70 -10.27 7.86 21.16
C THR B 70 -11.15 9.12 21.21
N VAL B 71 -12.08 9.17 22.16
CA VAL B 71 -12.98 10.30 22.28
C VAL B 71 -12.21 11.52 22.78
N VAL B 72 -12.10 12.55 21.94
CA VAL B 72 -11.37 13.74 22.35
C VAL B 72 -12.25 14.92 22.66
N ASP B 73 -13.54 14.78 22.36
CA ASP B 73 -14.47 15.84 22.66
C ASP B 73 -15.91 15.42 22.37
N VAL B 74 -16.83 16.17 22.98
CA VAL B 74 -18.25 15.94 22.82
C VAL B 74 -18.69 17.13 21.99
N LEU B 75 -19.69 16.94 21.13
CA LEU B 75 -20.16 18.04 20.28
C LEU B 75 -21.25 18.87 20.90
N PRO B 76 -21.29 20.18 20.56
CA PRO B 76 -22.29 21.10 21.07
C PRO B 76 -23.66 20.78 20.49
N GLU B 77 -24.55 20.28 21.34
CA GLU B 77 -25.90 19.90 20.93
C GLU B 77 -26.83 21.11 20.77
N LYS C 2 -1.29 1.32 37.69
CA LYS C 2 -2.18 0.16 37.60
C LYS C 2 -1.49 -0.73 36.60
N GLU C 3 -1.84 -2.01 36.61
CA GLU C 3 -1.25 -2.93 35.65
C GLU C 3 -1.52 -2.52 34.19
N ASN C 4 -2.73 -2.05 33.89
CA ASN C 4 -3.03 -1.64 32.51
C ASN C 4 -2.27 -0.38 32.10
N GLU C 5 -1.97 0.52 33.04
CA GLU C 5 -1.20 1.71 32.71
C GLU C 5 0.22 1.28 32.32
N ILE C 6 0.75 0.26 33.01
CA ILE C 6 2.09 -0.25 32.69
C ILE C 6 2.07 -0.92 31.32
N LEU C 7 1.06 -1.75 31.08
CA LEU C 7 0.93 -2.41 29.80
C LEU C 7 0.73 -1.43 28.63
N ARG C 8 -0.11 -0.41 28.82
CA ARG C 8 -0.29 0.56 27.75
C ARG C 8 1.00 1.34 27.53
N ARG C 9 1.76 1.59 28.59
CA ARG C 9 3.03 2.30 28.43
C ARG C 9 4.02 1.40 27.64
N GLU C 10 4.13 0.13 28.03
CA GLU C 10 5.02 -0.80 27.33
C GLU C 10 4.61 -0.94 25.88
N LEU C 11 3.30 -0.92 25.62
CA LEU C 11 2.83 -1.07 24.24
C LEU C 11 3.11 0.20 23.42
N ASP C 12 2.85 1.38 24.01
CA ASP C 12 3.09 2.64 23.29
C ASP C 12 4.58 2.70 22.91
N ARG C 13 5.45 2.31 23.82
CA ARG C 13 6.88 2.34 23.55
C ARG C 13 7.34 1.39 22.46
N ARG C 15 5.43 0.56 19.85
CA ARG C 15 4.78 0.98 18.60
C ARG C 15 5.32 2.26 17.96
N VAL C 16 5.92 3.17 18.72
CA VAL C 16 6.42 4.40 18.11
C VAL C 16 7.49 4.06 17.08
N PRO C 17 7.48 4.77 15.95
CA PRO C 17 8.48 4.49 14.90
C PRO C 17 9.90 4.83 15.34
N PRO C 18 10.89 4.13 14.78
CA PRO C 18 12.30 4.37 15.11
C PRO C 18 12.80 5.59 14.32
N LEU C 19 13.95 6.13 14.73
CA LEU C 19 14.55 7.26 14.03
C LEU C 19 15.72 6.76 13.20
N ILE C 20 15.88 7.32 12.01
CA ILE C 20 16.97 6.92 11.16
C ILE C 20 18.23 7.68 11.54
N VAL C 21 19.34 6.97 11.67
CA VAL C 21 20.57 7.64 12.00
C VAL C 21 21.24 8.04 10.68
N GLY C 22 21.79 9.25 10.67
CA GLY C 22 22.48 9.74 9.49
C GLY C 22 23.66 10.58 9.95
N THR C 23 24.43 11.07 8.99
CA THR C 23 25.59 11.88 9.30
C THR C 23 25.54 13.21 8.60
N VAL C 24 25.76 14.28 9.35
CA VAL C 24 25.74 15.61 8.74
C VAL C 24 26.90 15.68 7.75
N VAL C 25 26.59 16.03 6.51
CA VAL C 25 27.61 16.15 5.47
C VAL C 25 27.97 17.63 5.38
N ASP C 26 26.97 18.48 5.37
CA ASP C 26 27.20 19.91 5.29
C ASP C 26 26.04 20.75 5.84
N LYS C 27 26.36 21.84 6.53
CA LYS C 27 25.33 22.73 7.04
C LYS C 27 25.15 23.70 5.88
N VAL C 28 23.93 23.86 5.39
CA VAL C 28 23.65 24.72 4.24
C VAL C 28 23.05 26.06 4.64
N GLY C 29 22.37 26.08 5.77
CA GLY C 29 21.77 27.31 6.25
C GLY C 29 21.74 27.25 7.75
N GLU C 30 21.12 28.26 8.37
CA GLU C 30 21.03 28.27 9.82
C GLU C 30 20.26 27.05 10.34
N ARG C 31 19.22 26.64 9.62
CA ARG C 31 18.42 25.50 10.04
C ARG C 31 18.25 24.45 8.96
N LYS C 32 19.24 24.33 8.08
CA LYS C 32 19.19 23.34 7.03
C LYS C 32 20.51 22.62 6.92
N VAL C 33 20.45 21.32 6.76
CA VAL C 33 21.64 20.49 6.65
C VAL C 33 21.45 19.44 5.59
N VAL C 34 22.56 19.04 5.00
CA VAL C 34 22.57 17.97 4.03
C VAL C 34 23.02 16.79 4.89
N VAL C 35 22.22 15.74 4.92
CA VAL C 35 22.57 14.59 5.73
C VAL C 35 22.71 13.33 4.88
N LYS C 36 23.72 12.53 5.20
CA LYS C 36 23.97 11.28 4.51
C LYS C 36 23.22 10.28 5.38
N SER C 37 22.11 9.76 4.89
CA SER C 37 21.37 8.79 5.68
C SER C 37 22.07 7.45 5.70
N SER C 38 21.96 6.73 6.82
CA SER C 38 22.58 5.42 6.90
C SER C 38 21.84 4.43 5.98
N THR C 39 20.68 4.83 5.49
CA THR C 39 19.92 3.98 4.57
C THR C 39 20.49 4.14 3.15
N GLY C 40 21.47 5.03 2.98
CA GLY C 40 22.08 5.20 1.66
C GLY C 40 22.03 6.56 0.99
N PRO C 41 20.84 7.08 0.69
CA PRO C 41 20.81 8.39 0.03
C PRO C 41 21.14 9.59 0.92
N SER C 42 21.33 10.73 0.28
CA SER C 42 21.62 11.95 1.00
C SER C 42 20.47 12.91 0.77
N PHE C 43 20.11 13.64 1.82
CA PHE C 43 19.02 14.58 1.75
C PHE C 43 19.35 15.93 2.35
N LEU C 44 18.65 16.94 1.86
CA LEU C 44 18.77 18.28 2.39
C LEU C 44 17.54 18.32 3.32
N VAL C 45 17.74 18.49 4.62
CA VAL C 45 16.59 18.45 5.54
C VAL C 45 16.49 19.60 6.55
N ASN C 46 15.31 19.77 7.12
CA ASN C 46 15.04 20.81 8.13
C ASN C 46 15.56 20.34 9.49
N VAL C 47 15.63 21.26 10.44
CA VAL C 47 16.07 20.94 11.79
C VAL C 47 14.87 21.25 12.68
N SER C 48 14.46 20.29 13.48
CA SER C 48 13.30 20.53 14.33
C SER C 48 13.59 21.47 15.49
N HIS C 49 12.52 21.95 16.09
CA HIS C 49 12.64 22.83 17.24
C HIS C 49 13.29 22.11 18.43
N PHE C 50 13.39 20.79 18.38
CA PHE C 50 13.99 20.05 19.50
C PHE C 50 15.51 20.12 19.47
N VAL C 51 16.05 20.54 18.34
CA VAL C 51 17.49 20.56 18.18
C VAL C 51 18.10 21.94 18.10
N ASN C 52 19.28 22.08 18.70
CA ASN C 52 20.02 23.34 18.67
C ASN C 52 20.84 23.19 17.39
N PRO C 53 20.56 24.02 16.38
CA PRO C 53 21.30 23.94 15.12
C PRO C 53 22.82 24.16 15.21
N ASP C 54 23.25 24.90 16.22
CA ASP C 54 24.67 25.12 16.39
C ASP C 54 25.35 23.80 16.76
N ASP C 55 24.56 22.80 17.17
CA ASP C 55 25.14 21.50 17.50
C ASP C 55 25.45 20.68 16.24
N LEU C 56 25.01 21.19 15.08
CA LEU C 56 25.24 20.46 13.84
C LEU C 56 26.49 20.89 13.08
N ALA C 57 27.32 19.93 12.73
CA ALA C 57 28.56 20.18 11.98
C ALA C 57 28.88 18.91 11.17
N PRO C 58 29.69 19.05 10.11
CA PRO C 58 30.04 17.87 9.30
C PRO C 58 30.57 16.76 10.19
N GLY C 59 30.10 15.54 9.94
CA GLY C 59 30.54 14.40 10.72
C GLY C 59 29.66 14.09 11.92
N LYS C 60 28.85 15.05 12.34
CA LYS C 60 27.94 14.84 13.47
C LYS C 60 26.86 13.79 13.15
N ARG C 61 26.63 12.86 14.07
CA ARG C 61 25.62 11.84 13.86
C ARG C 61 24.31 12.44 14.33
N VAL C 62 23.27 12.25 13.53
CA VAL C 62 21.97 12.80 13.86
C VAL C 62 20.82 11.81 13.67
N CYS C 63 19.67 12.12 14.26
CA CYS C 63 18.50 11.25 14.13
C CYS C 63 17.45 11.95 13.30
N LEU C 64 16.91 11.21 12.34
CA LEU C 64 15.91 11.71 11.42
C LEU C 64 14.52 11.09 11.60
N ASN C 65 13.49 11.94 11.62
CA ASN C 65 12.13 11.48 11.74
C ASN C 65 11.88 10.74 10.41
N GLN C 66 11.34 9.52 10.48
CA GLN C 66 11.12 8.74 9.27
C GLN C 66 10.19 9.35 8.23
N GLN C 67 9.19 10.10 8.68
CA GLN C 67 8.23 10.69 7.76
C GLN C 67 8.74 11.90 6.98
N THR C 68 9.43 12.81 7.67
CA THR C 68 9.90 14.03 7.04
C THR C 68 11.41 14.17 6.97
N LEU C 69 12.12 13.24 7.59
CA LEU C 69 13.58 13.25 7.64
C LEU C 69 14.17 14.46 8.37
N THR C 70 13.32 15.17 9.09
CA THR C 70 13.75 16.32 9.89
C THR C 70 14.75 15.88 10.95
N VAL C 71 15.74 16.71 11.28
CA VAL C 71 16.70 16.31 12.30
C VAL C 71 15.97 16.50 13.65
N VAL C 72 15.72 15.40 14.34
CA VAL C 72 15.00 15.47 15.60
C VAL C 72 15.91 15.19 16.79
N ASP C 73 17.16 14.84 16.53
CA ASP C 73 18.09 14.61 17.63
C ASP C 73 19.51 14.54 17.14
N VAL C 74 20.44 14.82 18.04
CA VAL C 74 21.86 14.75 17.74
C VAL C 74 22.42 13.67 18.65
N LEU C 75 23.39 12.90 18.17
CA LEU C 75 23.96 11.86 18.99
C LEU C 75 25.33 12.26 19.53
N PRO C 76 25.67 11.82 20.74
CA PRO C 76 26.94 12.11 21.40
C PRO C 76 28.14 11.57 20.63
N LYS D 2 -11.28 -7.83 29.65
CA LYS D 2 -10.00 -8.46 29.33
C LYS D 2 -8.87 -7.53 28.85
N GLU D 3 -8.91 -6.25 29.22
CA GLU D 3 -7.89 -5.31 28.77
C GLU D 3 -6.48 -5.81 29.01
N ASN D 4 -6.22 -6.21 30.25
CA ASN D 4 -4.91 -6.74 30.64
C ASN D 4 -4.45 -7.83 29.68
N GLU D 5 -5.27 -8.87 29.52
CA GLU D 5 -4.93 -9.97 28.62
C GLU D 5 -4.79 -9.53 27.17
N ILE D 6 -5.64 -8.61 26.74
CA ILE D 6 -5.57 -8.15 25.36
C ILE D 6 -4.25 -7.41 25.12
N LEU D 7 -3.87 -6.57 26.07
CA LEU D 7 -2.63 -5.81 25.94
C LEU D 7 -1.41 -6.74 25.92
N ARG D 8 -1.39 -7.71 26.84
CA ARG D 8 -0.26 -8.66 26.91
C ARG D 8 -0.13 -9.46 25.62
N ARG D 9 -1.27 -9.79 25.02
CA ARG D 9 -1.29 -10.53 23.77
C ARG D 9 -0.60 -9.65 22.71
N GLU D 10 -0.98 -8.39 22.65
CA GLU D 10 -0.39 -7.51 21.67
C GLU D 10 1.12 -7.41 21.85
N LEU D 11 1.59 -7.26 23.10
CA LEU D 11 3.02 -7.15 23.38
C LEU D 11 3.77 -8.39 22.90
N ASP D 12 3.24 -9.57 23.23
CA ASP D 12 3.84 -10.83 22.82
C ASP D 12 3.86 -10.99 21.30
N ARG D 13 2.79 -10.57 20.65
CA ARG D 13 2.72 -10.67 19.19
C ARG D 13 3.88 -9.90 18.55
N ARG D 15 6.87 -9.72 19.58
CA ARG D 15 8.18 -10.30 19.80
C ARG D 15 8.32 -11.70 19.25
N VAL D 16 7.34 -12.14 18.48
CA VAL D 16 7.41 -13.46 17.86
C VAL D 16 8.19 -13.32 16.54
N PRO D 17 8.89 -14.38 16.10
CA PRO D 17 9.64 -14.28 14.84
C PRO D 17 8.70 -13.98 13.66
N PRO D 18 9.24 -13.44 12.56
CA PRO D 18 10.66 -13.12 12.43
C PRO D 18 11.08 -11.82 13.10
N LEU D 19 12.31 -11.83 13.61
CA LEU D 19 12.91 -10.70 14.28
C LEU D 19 14.19 -10.38 13.52
N ILE D 20 14.46 -9.10 13.38
CA ILE D 20 15.66 -8.64 12.68
C ILE D 20 16.80 -8.64 13.68
N VAL D 21 17.96 -9.15 13.28
CA VAL D 21 19.11 -9.16 14.18
C VAL D 21 19.96 -7.91 13.97
N GLY D 22 20.29 -7.23 15.05
CA GLY D 22 21.10 -6.04 14.90
C GLY D 22 22.20 -6.07 15.93
N THR D 23 23.06 -5.06 15.87
CA THR D 23 24.19 -4.94 16.78
C THR D 23 24.06 -3.60 17.48
N VAL D 24 24.22 -3.59 18.79
CA VAL D 24 24.14 -2.35 19.54
C VAL D 24 25.38 -1.49 19.22
N VAL D 25 25.14 -0.24 18.87
CA VAL D 25 26.23 0.69 18.56
C VAL D 25 26.52 1.45 19.85
N ASP D 26 25.47 1.87 20.55
CA ASP D 26 25.65 2.54 21.82
C ASP D 26 24.33 2.84 22.51
N LYS D 27 24.38 2.90 23.84
CA LYS D 27 23.19 3.21 24.63
C LYS D 27 23.03 4.71 24.54
N VAL D 28 21.80 5.20 24.46
CA VAL D 28 21.59 6.63 24.33
C VAL D 28 20.91 7.20 25.55
N GLY D 29 19.92 6.49 26.05
CA GLY D 29 19.26 6.97 27.24
C GLY D 29 19.22 5.80 28.18
N GLU D 30 18.24 5.80 29.05
CA GLU D 30 18.09 4.71 29.99
C GLU D 30 17.53 3.52 29.21
N ARG D 31 16.63 3.81 28.27
CA ARG D 31 16.02 2.75 27.49
C ARG D 31 15.96 2.92 25.98
N LYS D 32 16.98 3.57 25.42
CA LYS D 32 17.07 3.72 23.98
C LYS D 32 18.46 3.33 23.58
N VAL D 33 18.59 2.79 22.38
CA VAL D 33 19.88 2.39 21.84
C VAL D 33 19.93 2.69 20.36
N VAL D 34 21.15 2.87 19.87
CA VAL D 34 21.34 3.04 18.46
C VAL D 34 21.75 1.65 18.04
N VAL D 35 21.07 1.08 17.06
CA VAL D 35 21.44 -0.23 16.59
C VAL D 35 21.76 -0.20 15.09
N LYS D 36 22.77 -0.97 14.70
CA LYS D 36 23.12 -1.07 13.31
C LYS D 36 22.42 -2.33 12.85
N SER D 37 21.29 -2.14 12.18
CA SER D 37 20.53 -3.26 11.67
C SER D 37 21.44 -4.02 10.70
N SER D 38 21.24 -5.33 10.60
CA SER D 38 22.03 -6.11 9.66
C SER D 38 21.47 -5.83 8.27
N THR D 39 20.29 -5.18 8.22
CA THR D 39 19.65 -4.82 6.96
C THR D 39 20.39 -3.65 6.30
N GLY D 40 21.40 -3.11 7.00
CA GLY D 40 22.18 -2.01 6.46
C GLY D 40 22.21 -0.73 7.28
N PRO D 41 21.08 -0.01 7.38
CA PRO D 41 21.11 1.23 8.16
C PRO D 41 21.14 1.11 9.68
N SER D 42 21.34 2.25 10.32
CA SER D 42 21.36 2.32 11.77
C SER D 42 20.15 3.14 12.22
N PHE D 43 19.61 2.77 13.37
CA PHE D 43 18.45 3.43 13.90
C PHE D 43 18.57 3.66 15.39
N LEU D 44 17.84 4.66 15.87
CA LEU D 44 17.77 4.92 17.29
C LEU D 44 16.42 4.28 17.60
N VAL D 45 16.43 3.27 18.46
CA VAL D 45 15.22 2.54 18.78
C VAL D 45 14.95 2.43 20.28
N ASN D 46 13.70 2.12 20.64
CA ASN D 46 13.39 1.95 22.05
C ASN D 46 13.76 0.53 22.50
N VAL D 47 14.20 0.42 23.74
CA VAL D 47 14.54 -0.86 24.33
C VAL D 47 13.22 -1.27 25.00
N SER D 48 12.60 -2.33 24.53
CA SER D 48 11.35 -2.74 25.15
C SER D 48 11.55 -3.30 26.58
N HIS D 49 10.46 -3.41 27.33
CA HIS D 49 10.48 -3.93 28.69
C HIS D 49 10.91 -5.41 28.71
N PHE D 50 10.98 -6.05 27.53
CA PHE D 50 11.40 -7.45 27.47
C PHE D 50 12.91 -7.55 27.66
N VAL D 51 13.58 -6.41 27.59
CA VAL D 51 15.04 -6.40 27.70
C VAL D 51 15.54 -5.56 28.86
N ASN D 52 16.56 -6.08 29.55
CA ASN D 52 17.19 -5.38 30.67
C ASN D 52 18.24 -4.48 30.02
N PRO D 53 18.05 -3.16 30.06
CA PRO D 53 19.07 -2.31 29.42
C PRO D 53 20.50 -2.59 29.88
N ASP D 54 20.67 -3.05 31.12
CA ASP D 54 22.01 -3.35 31.59
C ASP D 54 22.65 -4.48 30.79
N ASP D 55 21.84 -5.24 30.05
CA ASP D 55 22.36 -6.33 29.22
C ASP D 55 22.85 -5.83 27.86
N LEU D 56 22.74 -4.53 27.62
CA LEU D 56 23.15 -3.97 26.35
C LEU D 56 24.46 -3.21 26.43
N ALA D 57 25.26 -3.35 25.39
CA ALA D 57 26.56 -2.70 25.34
C ALA D 57 26.91 -2.72 23.88
N PRO D 58 27.71 -1.73 23.43
CA PRO D 58 28.06 -1.75 22.01
C PRO D 58 28.72 -3.07 21.68
N GLY D 59 28.26 -3.69 20.60
CA GLY D 59 28.79 -4.96 20.15
C GLY D 59 27.81 -6.09 20.43
N LYS D 60 26.86 -5.86 21.32
CA LYS D 60 25.88 -6.91 21.64
C LYS D 60 24.87 -7.10 20.50
N ARG D 61 24.61 -8.34 20.14
CA ARG D 61 23.63 -8.63 19.10
C ARG D 61 22.26 -8.63 19.75
N VAL D 62 21.29 -8.00 19.10
CA VAL D 62 19.93 -7.91 19.64
C VAL D 62 18.87 -8.32 18.60
N CYS D 63 17.68 -8.66 19.08
CA CYS D 63 16.56 -9.01 18.20
C CYS D 63 15.65 -7.81 18.17
N LEU D 64 15.24 -7.42 16.96
CA LEU D 64 14.39 -6.27 16.76
C LEU D 64 13.05 -6.59 16.10
N ASN D 65 12.02 -5.91 16.54
CA ASN D 65 10.70 -6.09 15.96
C ASN D 65 10.79 -5.62 14.50
N GLN D 66 10.17 -6.37 13.59
CA GLN D 66 10.25 -6.04 12.17
C GLN D 66 9.55 -4.75 11.76
N GLN D 67 8.60 -4.27 12.55
CA GLN D 67 7.91 -3.04 12.18
C GLN D 67 8.52 -1.78 12.76
N THR D 68 8.95 -1.85 14.02
CA THR D 68 9.47 -0.66 14.68
C THR D 68 10.91 -0.76 15.12
N LEU D 69 11.48 -1.95 14.95
CA LEU D 69 12.85 -2.22 15.36
C LEU D 69 13.08 -2.08 16.88
N THR D 70 12.02 -2.05 17.68
CA THR D 70 12.23 -1.98 19.11
C THR D 70 12.99 -3.27 19.54
N VAL D 71 13.92 -3.15 20.49
CA VAL D 71 14.70 -4.29 20.97
C VAL D 71 13.84 -5.20 21.88
N VAL D 72 13.68 -6.45 21.49
CA VAL D 72 12.85 -7.38 22.26
C VAL D 72 13.63 -8.51 22.88
N ASP D 73 14.89 -8.65 22.49
CA ASP D 73 15.72 -9.68 23.10
C ASP D 73 17.18 -9.45 22.76
N VAL D 74 18.04 -10.16 23.49
CA VAL D 74 19.50 -10.09 23.32
C VAL D 74 19.95 -11.50 22.99
N LEU D 75 20.81 -11.65 21.98
CA LEU D 75 21.31 -12.96 21.62
C LEU D 75 22.66 -13.19 22.30
N PRO D 76 23.05 -14.45 22.51
CA PRO D 76 24.34 -14.75 23.14
C PRO D 76 25.49 -14.60 22.14
N LYS E 2 -0.53 -40.89 -7.24
CA LYS E 2 -1.97 -40.85 -7.50
C LYS E 2 -2.72 -40.11 -6.40
N GLU E 3 -2.26 -40.25 -5.16
CA GLU E 3 -2.88 -39.58 -4.04
C GLU E 3 -2.42 -38.13 -4.00
N ASN E 4 -1.15 -37.92 -4.33
CA ASN E 4 -0.59 -36.59 -4.34
C ASN E 4 -1.17 -35.72 -5.43
N GLU E 5 -1.55 -36.35 -6.53
CA GLU E 5 -2.11 -35.60 -7.64
C GLU E 5 -3.50 -35.10 -7.34
N ILE E 6 -4.23 -35.82 -6.49
CA ILE E 6 -5.58 -35.41 -6.15
C ILE E 6 -5.45 -34.18 -5.27
N LEU E 7 -4.48 -34.18 -4.37
CA LEU E 7 -4.30 -33.04 -3.48
C LEU E 7 -3.79 -31.81 -4.26
N ARG E 8 -2.92 -32.04 -5.24
CA ARG E 8 -2.38 -30.93 -6.03
C ARG E 8 -3.42 -30.30 -6.94
N ARG E 9 -4.29 -31.11 -7.54
CA ARG E 9 -5.33 -30.59 -8.40
C ARG E 9 -6.31 -29.76 -7.59
N GLU E 10 -6.57 -30.20 -6.36
CA GLU E 10 -7.50 -29.49 -5.47
C GLU E 10 -6.90 -28.15 -5.07
N LEU E 11 -5.62 -28.16 -4.74
CA LEU E 11 -4.95 -26.94 -4.36
C LEU E 11 -4.93 -26.01 -5.58
N ASP E 12 -4.61 -26.54 -6.77
CA ASP E 12 -4.61 -25.69 -7.99
C ASP E 12 -5.98 -25.02 -8.13
N ARG E 13 -7.04 -25.81 -8.05
CA ARG E 13 -8.39 -25.24 -8.17
C ARG E 13 -8.72 -24.14 -7.14
N ARG E 15 -6.82 -22.12 -5.76
CA ARG E 15 -5.99 -20.93 -5.85
C ARG E 15 -6.20 -20.08 -7.08
N VAL E 16 -7.05 -20.51 -8.00
CA VAL E 16 -7.26 -19.67 -9.16
C VAL E 16 -8.01 -18.44 -8.66
N PRO E 17 -7.66 -17.25 -9.17
CA PRO E 17 -8.35 -16.05 -8.70
C PRO E 17 -9.82 -16.04 -9.11
N PRO E 18 -10.68 -15.47 -8.26
CA PRO E 18 -12.11 -15.40 -8.54
C PRO E 18 -12.47 -14.33 -9.58
N LEU E 19 -13.70 -14.40 -10.08
CA LEU E 19 -14.17 -13.41 -11.04
C LEU E 19 -15.34 -12.66 -10.41
N ILE E 20 -15.42 -11.36 -10.68
CA ILE E 20 -16.51 -10.55 -10.18
C ILE E 20 -17.71 -10.69 -11.13
N VAL E 21 -18.90 -10.85 -10.57
CA VAL E 21 -20.10 -10.99 -11.38
C VAL E 21 -20.78 -9.65 -11.45
N GLY E 22 -21.21 -9.27 -12.64
CA GLY E 22 -21.90 -8.01 -12.79
C GLY E 22 -23.03 -8.20 -13.79
N THR E 23 -23.72 -7.11 -14.10
CA THR E 23 -24.81 -7.17 -15.05
C THR E 23 -24.58 -6.13 -16.14
N VAL E 24 -24.80 -6.54 -17.38
CA VAL E 24 -24.64 -5.66 -18.51
C VAL E 24 -25.72 -4.59 -18.49
N VAL E 25 -25.31 -3.34 -18.61
CA VAL E 25 -26.25 -2.23 -18.62
C VAL E 25 -26.47 -1.92 -20.09
N ASP E 26 -25.38 -1.73 -20.82
CA ASP E 26 -25.48 -1.47 -22.24
C ASP E 26 -24.15 -1.51 -22.97
N LYS E 27 -24.18 -2.00 -24.21
CA LYS E 27 -22.98 -2.04 -25.06
C LYS E 27 -22.78 -0.61 -25.55
N VAL E 28 -21.53 -0.17 -25.54
CA VAL E 28 -21.19 1.19 -25.95
C VAL E 28 -20.30 1.26 -27.19
N GLY E 29 -19.54 0.21 -27.44
CA GLY E 29 -18.69 0.19 -28.61
C GLY E 29 -18.69 -1.22 -29.15
N GLU E 30 -17.78 -1.51 -30.07
CA GLU E 30 -17.72 -2.85 -30.63
C GLU E 30 -17.36 -3.80 -29.49
N ARG E 31 -16.35 -3.43 -28.70
CA ARG E 31 -15.93 -4.28 -27.61
C ARG E 31 -15.88 -3.51 -26.30
N LYS E 32 -16.88 -2.66 -26.07
CA LYS E 32 -16.97 -1.89 -24.84
C LYS E 32 -18.38 -2.04 -24.29
N VAL E 33 -18.50 -2.21 -22.98
CA VAL E 33 -19.84 -2.32 -22.37
C VAL E 33 -19.84 -1.69 -20.99
N VAL E 34 -21.00 -1.20 -20.60
CA VAL E 34 -21.16 -0.62 -19.28
C VAL E 34 -21.77 -1.76 -18.49
N VAL E 35 -21.16 -2.07 -17.36
CA VAL E 35 -21.65 -3.14 -16.52
C VAL E 35 -21.86 -2.59 -15.13
N LYS E 36 -22.92 -3.04 -14.46
CA LYS E 36 -23.16 -2.61 -13.10
C LYS E 36 -22.59 -3.71 -12.27
N SER E 37 -21.47 -3.41 -11.64
CA SER E 37 -20.78 -4.38 -10.82
C SER E 37 -21.55 -4.62 -9.53
N SER E 38 -21.40 -5.83 -9.02
CA SER E 38 -22.04 -6.19 -7.77
C SER E 38 -21.23 -5.47 -6.68
N THR E 39 -20.04 -4.99 -7.03
CA THR E 39 -19.22 -4.26 -6.08
C THR E 39 -19.88 -2.90 -5.77
N GLY E 40 -20.88 -2.52 -6.57
CA GLY E 40 -21.57 -1.26 -6.35
C GLY E 40 -21.75 -0.32 -7.53
N PRO E 41 -20.66 0.33 -7.96
CA PRO E 41 -20.72 1.26 -9.08
C PRO E 41 -20.85 0.63 -10.47
N SER E 42 -21.02 1.48 -11.47
CA SER E 42 -21.11 1.04 -12.85
C SER E 42 -19.77 1.41 -13.48
N PHE E 43 -19.29 0.58 -14.41
CA PHE E 43 -18.04 0.84 -15.11
C PHE E 43 -18.14 0.61 -16.61
N LEU E 44 -17.28 1.29 -17.36
CA LEU E 44 -17.20 1.07 -18.80
C LEU E 44 -15.98 0.17 -18.86
N VAL E 45 -16.14 -1.01 -19.45
CA VAL E 45 -15.03 -1.95 -19.51
C VAL E 45 -14.83 -2.55 -20.89
N ASN E 46 -13.68 -3.17 -21.11
CA ASN E 46 -13.37 -3.85 -22.37
C ASN E 46 -14.05 -5.23 -22.37
N VAL E 47 -14.17 -5.82 -23.55
CA VAL E 47 -14.74 -7.17 -23.69
C VAL E 47 -13.57 -7.95 -24.24
N SER E 48 -13.18 -9.03 -23.57
CA SER E 48 -12.03 -9.80 -24.05
C SER E 48 -12.29 -10.33 -25.46
N HIS E 49 -11.21 -10.48 -26.24
CA HIS E 49 -11.35 -10.97 -27.62
C HIS E 49 -12.01 -12.35 -27.72
N PHE E 50 -11.89 -13.18 -26.69
CA PHE E 50 -12.53 -14.49 -26.80
C PHE E 50 -14.00 -14.51 -26.40
N VAL E 51 -14.55 -13.34 -26.09
CA VAL E 51 -15.98 -13.27 -25.75
C VAL E 51 -16.69 -12.66 -26.94
N ASN E 52 -17.82 -13.23 -27.34
CA ASN E 52 -18.57 -12.69 -28.47
C ASN E 52 -19.47 -11.57 -27.95
N PRO E 53 -19.14 -10.32 -28.30
CA PRO E 53 -19.95 -9.19 -27.83
C PRO E 53 -21.46 -9.36 -28.14
N ASP E 54 -21.75 -10.21 -29.13
CA ASP E 54 -23.14 -10.50 -29.52
C ASP E 54 -23.88 -11.20 -28.38
N ASP E 55 -23.16 -11.82 -27.46
CA ASP E 55 -23.83 -12.50 -26.36
C ASP E 55 -24.12 -11.52 -25.23
N LEU E 56 -23.70 -10.28 -25.41
CA LEU E 56 -23.90 -9.25 -24.40
C LEU E 56 -25.17 -8.45 -24.63
N ALA E 57 -26.15 -8.65 -23.77
CA ALA E 57 -27.40 -7.92 -23.89
C ALA E 57 -27.72 -7.34 -22.53
N PRO E 58 -28.36 -6.16 -22.49
CA PRO E 58 -28.69 -5.54 -21.21
C PRO E 58 -29.41 -6.51 -20.30
N GLY E 59 -28.92 -6.66 -19.08
CA GLY E 59 -29.55 -7.56 -18.15
C GLY E 59 -28.78 -8.86 -18.02
N LYS E 60 -27.99 -9.20 -19.04
CA LYS E 60 -27.19 -10.43 -19.01
C LYS E 60 -26.12 -10.31 -17.92
N ARG E 61 -25.84 -11.40 -17.21
CA ARG E 61 -24.80 -11.38 -16.19
C ARG E 61 -23.48 -11.74 -16.83
N VAL E 62 -22.42 -11.08 -16.40
CA VAL E 62 -21.09 -11.34 -16.92
C VAL E 62 -20.05 -11.54 -15.82
N CYS E 63 -18.92 -12.14 -16.18
CA CYS E 63 -17.84 -12.36 -15.24
C CYS E 63 -16.77 -11.38 -15.63
N LEU E 64 -16.24 -10.66 -14.64
CA LEU E 64 -15.24 -9.63 -14.86
C LEU E 64 -13.91 -9.99 -14.21
N ASN E 65 -12.82 -9.73 -14.93
CA ASN E 65 -11.48 -9.97 -14.40
C ASN E 65 -11.32 -9.01 -13.21
N GLN E 66 -10.68 -9.48 -12.14
CA GLN E 66 -10.50 -8.66 -10.95
C GLN E 66 -9.80 -7.30 -11.11
N GLN E 67 -8.72 -7.26 -11.87
CA GLN E 67 -7.97 -6.01 -12.04
C GLN E 67 -8.55 -4.99 -13.03
N THR E 68 -8.83 -5.44 -14.25
CA THR E 68 -9.33 -4.57 -15.30
C THR E 68 -10.83 -4.57 -15.44
N LEU E 69 -11.49 -5.50 -14.77
CA LEU E 69 -12.93 -5.63 -14.86
C LEU E 69 -13.34 -5.97 -16.30
N THR E 70 -12.37 -6.42 -17.08
CA THR E 70 -12.63 -6.83 -18.47
C THR E 70 -13.62 -8.01 -18.49
N VAL E 71 -14.61 -7.94 -19.38
CA VAL E 71 -15.57 -9.04 -19.47
C VAL E 71 -14.86 -10.27 -20.06
N VAL E 72 -14.79 -11.36 -19.29
CA VAL E 72 -14.13 -12.57 -19.77
C VAL E 72 -15.10 -13.74 -19.93
N ASP E 73 -16.37 -13.51 -19.60
CA ASP E 73 -17.36 -14.55 -19.74
C ASP E 73 -18.76 -13.99 -19.59
N VAL E 74 -19.71 -14.62 -20.28
CA VAL E 74 -21.11 -14.22 -20.18
C VAL E 74 -21.86 -15.40 -19.61
N LEU E 75 -22.41 -15.26 -18.41
CA LEU E 75 -23.15 -16.34 -17.77
C LEU E 75 -24.35 -16.72 -18.63
N PRO E 76 -24.62 -18.03 -18.75
CA PRO E 76 -25.76 -18.48 -19.56
C PRO E 76 -27.11 -18.36 -18.86
N LYS F 2 6.33 -37.56 2.08
CA LYS F 2 5.52 -36.69 2.92
C LYS F 2 5.13 -35.40 2.22
N GLU F 3 5.27 -35.40 0.89
CA GLU F 3 4.89 -34.25 0.09
C GLU F 3 3.39 -34.08 0.32
N ASN F 4 2.72 -35.22 0.41
CA ASN F 4 1.28 -35.29 0.65
C ASN F 4 0.94 -34.54 1.93
N GLU F 5 1.76 -34.76 2.94
CA GLU F 5 1.59 -34.14 4.24
C GLU F 5 1.72 -32.62 4.11
N ILE F 6 2.67 -32.20 3.27
CA ILE F 6 2.87 -30.78 3.07
C ILE F 6 1.71 -30.18 2.28
N LEU F 7 1.14 -30.96 1.36
CA LEU F 7 0.01 -30.48 0.57
C LEU F 7 -1.22 -30.37 1.46
N ARG F 8 -1.40 -31.36 2.34
CA ARG F 8 -2.53 -31.35 3.24
C ARG F 8 -2.51 -30.14 4.13
N ARG F 9 -1.34 -29.73 4.57
CA ARG F 9 -1.25 -28.56 5.43
C ARG F 9 -1.60 -27.30 4.64
N GLU F 10 -1.24 -27.27 3.36
CA GLU F 10 -1.55 -26.09 2.56
C GLU F 10 -3.04 -26.01 2.29
N LEU F 11 -3.67 -27.16 2.13
CA LEU F 11 -5.11 -27.16 1.91
C LEU F 11 -5.79 -26.67 3.20
N ASP F 12 -5.34 -27.18 4.34
CA ASP F 12 -5.90 -26.77 5.64
C ASP F 12 -5.66 -25.31 5.99
N ARG F 13 -4.55 -24.73 5.54
CA ARG F 13 -4.30 -23.33 5.83
C ARG F 13 -5.31 -22.43 5.12
N ARG F 15 -8.53 -22.99 4.99
CA ARG F 15 -9.81 -22.97 5.66
C ARG F 15 -9.71 -22.73 7.16
N VAL F 16 -8.70 -21.97 7.57
CA VAL F 16 -8.56 -21.63 8.97
C VAL F 16 -9.08 -20.20 9.05
N PRO F 17 -9.72 -19.82 10.17
CA PRO F 17 -10.25 -18.46 10.33
C PRO F 17 -9.18 -17.38 10.26
N PRO F 18 -9.58 -16.14 9.89
CA PRO F 18 -10.94 -15.71 9.55
C PRO F 18 -11.39 -16.03 8.13
N LEU F 19 -12.62 -16.49 8.01
CA LEU F 19 -13.19 -16.82 6.72
C LEU F 19 -14.32 -15.83 6.50
N ILE F 20 -14.57 -15.48 5.23
CA ILE F 20 -15.63 -14.55 4.93
C ILE F 20 -16.92 -15.34 4.74
N VAL F 21 -18.03 -14.80 5.23
CA VAL F 21 -19.30 -15.49 5.08
C VAL F 21 -19.98 -14.94 3.83
N GLY F 22 -20.53 -15.84 3.03
CA GLY F 22 -21.24 -15.43 1.83
C GLY F 22 -22.49 -16.28 1.65
N THR F 23 -23.29 -15.94 0.66
CA THR F 23 -24.52 -16.66 0.35
C THR F 23 -24.50 -17.13 -1.10
N VAL F 24 -24.79 -18.39 -1.31
CA VAL F 24 -24.81 -18.95 -2.67
C VAL F 24 -25.95 -18.28 -3.43
N VAL F 25 -25.65 -17.74 -4.61
CA VAL F 25 -26.68 -17.13 -5.43
C VAL F 25 -27.20 -18.22 -6.35
N ASP F 26 -26.27 -18.94 -6.97
CA ASP F 26 -26.61 -20.03 -7.87
C ASP F 26 -25.36 -20.83 -8.20
N LYS F 27 -25.57 -22.12 -8.49
CA LYS F 27 -24.48 -23.02 -8.85
C LYS F 27 -24.35 -22.91 -10.38
N VAL F 28 -23.12 -22.81 -10.88
CA VAL F 28 -22.88 -22.66 -12.31
C VAL F 28 -22.29 -23.91 -12.94
N GLY F 29 -21.45 -24.61 -12.19
CA GLY F 29 -20.84 -25.82 -12.69
C GLY F 29 -20.97 -26.82 -11.55
N GLU F 30 -20.38 -28.00 -11.69
CA GLU F 30 -20.48 -28.96 -10.60
C GLU F 30 -19.61 -28.47 -9.44
N ARG F 31 -18.59 -27.67 -9.77
CA ARG F 31 -17.68 -27.16 -8.76
C ARG F 31 -17.50 -25.64 -8.74
N LYS F 32 -18.46 -24.91 -9.31
CA LYS F 32 -18.42 -23.44 -9.35
C LYS F 32 -19.75 -22.86 -8.92
N VAL F 33 -19.71 -21.75 -8.19
CA VAL F 33 -20.94 -21.10 -7.75
C VAL F 33 -20.73 -19.60 -7.76
N VAL F 34 -21.81 -18.86 -7.91
CA VAL F 34 -21.73 -17.42 -7.82
C VAL F 34 -22.14 -17.23 -6.37
N VAL F 35 -21.32 -16.55 -5.60
CA VAL F 35 -21.66 -16.32 -4.19
C VAL F 35 -21.73 -14.82 -3.95
N LYS F 36 -22.69 -14.40 -3.13
CA LYS F 36 -22.77 -12.99 -2.80
C LYS F 36 -22.04 -12.89 -1.48
N SER F 37 -20.89 -12.22 -1.50
CA SER F 37 -20.09 -12.04 -0.31
C SER F 37 -20.78 -11.09 0.66
N SER F 38 -20.59 -11.32 1.95
CA SER F 38 -21.19 -10.42 2.92
C SER F 38 -20.41 -9.09 2.84
N THR F 39 -19.32 -9.06 2.07
CA THR F 39 -18.53 -7.85 1.90
C THR F 39 -19.10 -6.96 0.78
N GLY F 40 -20.14 -7.44 0.11
CA GLY F 40 -20.76 -6.64 -0.94
C GLY F 40 -20.93 -7.27 -2.32
N PRO F 41 -19.85 -7.35 -3.11
CA PRO F 41 -19.89 -7.93 -4.46
C PRO F 41 -20.18 -9.43 -4.56
N SER F 42 -20.56 -9.84 -5.75
CA SER F 42 -20.82 -11.26 -6.02
C SER F 42 -19.65 -11.76 -6.85
N PHE F 43 -19.24 -13.00 -6.60
CA PHE F 43 -18.11 -13.60 -7.29
C PHE F 43 -18.40 -15.00 -7.85
N LEU F 44 -17.69 -15.36 -8.92
CA LEU F 44 -17.81 -16.70 -9.48
C LEU F 44 -16.58 -17.36 -8.84
N VAL F 45 -16.82 -18.32 -7.97
CA VAL F 45 -15.74 -18.98 -7.25
C VAL F 45 -15.80 -20.50 -7.35
N ASN F 46 -14.70 -21.14 -7.02
CA ASN F 46 -14.64 -22.60 -7.05
C ASN F 46 -15.11 -23.17 -5.72
N VAL F 47 -15.62 -24.39 -5.77
CA VAL F 47 -16.09 -25.07 -4.58
C VAL F 47 -15.05 -26.12 -4.21
N SER F 48 -14.45 -25.99 -3.04
CA SER F 48 -13.44 -26.96 -2.65
C SER F 48 -14.08 -28.33 -2.40
N HIS F 49 -13.25 -29.36 -2.48
CA HIS F 49 -13.70 -30.73 -2.26
C HIS F 49 -14.08 -30.92 -0.79
N PHE F 50 -13.79 -29.91 0.03
CA PHE F 50 -14.14 -29.96 1.45
C PHE F 50 -15.67 -29.84 1.54
N VAL F 51 -16.28 -29.46 0.41
CA VAL F 51 -17.71 -29.24 0.35
C VAL F 51 -18.45 -30.14 -0.63
N ASN F 52 -19.66 -30.53 -0.24
CA ASN F 52 -20.49 -31.36 -1.09
C ASN F 52 -21.40 -30.45 -1.91
N PRO F 53 -21.15 -30.38 -3.23
CA PRO F 53 -21.92 -29.56 -4.16
C PRO F 53 -23.44 -29.70 -4.05
N ASP F 54 -23.91 -30.83 -3.53
CA ASP F 54 -25.33 -31.04 -3.37
C ASP F 54 -25.87 -30.15 -2.25
N ASP F 55 -24.99 -29.72 -1.36
CA ASP F 55 -25.41 -28.87 -0.25
C ASP F 55 -25.37 -27.39 -0.60
N LEU F 56 -25.01 -27.10 -1.84
CA LEU F 56 -24.92 -25.72 -2.29
C LEU F 56 -26.11 -25.33 -3.15
N ALA F 57 -27.07 -24.66 -2.53
CA ALA F 57 -28.27 -24.23 -3.21
C ALA F 57 -28.46 -22.76 -2.92
N PRO F 58 -29.19 -22.04 -3.77
CA PRO F 58 -29.38 -20.61 -3.52
C PRO F 58 -29.88 -20.32 -2.10
N GLY F 59 -29.17 -19.44 -1.40
CA GLY F 59 -29.53 -19.11 -0.04
C GLY F 59 -28.65 -19.76 1.03
N LYS F 60 -27.88 -20.78 0.68
CA LYS F 60 -27.01 -21.42 1.66
C LYS F 60 -25.84 -20.50 2.00
N ARG F 61 -25.55 -20.38 3.29
CA ARG F 61 -24.45 -19.56 3.75
C ARG F 61 -23.20 -20.42 3.68
N VAL F 62 -22.12 -19.85 3.17
CA VAL F 62 -20.86 -20.58 3.00
C VAL F 62 -19.66 -19.78 3.54
N CYS F 63 -18.56 -20.46 3.77
CA CYS F 63 -17.34 -19.81 4.24
C CYS F 63 -16.37 -19.71 3.09
N LEU F 64 -15.85 -18.51 2.88
CA LEU F 64 -14.94 -18.25 1.77
C LEU F 64 -13.53 -17.92 2.22
N ASN F 65 -12.53 -18.56 1.60
CA ASN F 65 -11.14 -18.26 1.91
C ASN F 65 -11.00 -16.76 1.64
N GLN F 66 -10.26 -16.04 2.48
CA GLN F 66 -10.13 -14.60 2.30
C GLN F 66 -9.26 -14.14 1.13
N GLN F 67 -8.46 -15.04 0.57
CA GLN F 67 -7.62 -14.66 -0.55
C GLN F 67 -8.17 -15.04 -1.92
N THR F 68 -8.86 -16.18 -2.01
CA THR F 68 -9.40 -16.61 -3.29
C THR F 68 -10.92 -16.68 -3.28
N LEU F 69 -11.53 -16.55 -2.12
CA LEU F 69 -12.98 -16.64 -1.99
C LEU F 69 -13.47 -18.03 -2.35
N THR F 70 -12.57 -19.00 -2.42
CA THR F 70 -13.02 -20.34 -2.71
C THR F 70 -13.88 -20.79 -1.52
N VAL F 71 -14.94 -21.55 -1.82
CA VAL F 71 -15.85 -22.08 -0.81
C VAL F 71 -15.16 -23.24 -0.07
N VAL F 72 -14.83 -23.03 1.19
CA VAL F 72 -14.14 -24.06 1.96
C VAL F 72 -15.06 -24.73 2.96
N ASP F 73 -16.26 -24.17 3.13
CA ASP F 73 -17.22 -24.78 4.04
C ASP F 73 -18.62 -24.25 3.87
N VAL F 74 -19.57 -24.94 4.47
CA VAL F 74 -20.97 -24.55 4.43
C VAL F 74 -21.41 -24.34 5.88
N LEU F 75 -22.33 -23.40 6.11
CA LEU F 75 -22.82 -23.16 7.46
C LEU F 75 -24.21 -23.78 7.63
N PRO F 76 -24.39 -24.58 8.68
CA PRO F 76 -25.68 -25.23 8.95
C PRO F 76 -26.80 -24.21 9.12
N LYS G 2 -8.72 -32.19 -18.76
CA LYS G 2 -7.28 -32.26 -18.61
C LYS G 2 -6.54 -30.96 -18.98
N GLU G 3 -7.00 -30.25 -20.02
CA GLU G 3 -6.34 -29.02 -20.44
C GLU G 3 -6.41 -27.93 -19.35
N ASN G 4 -7.57 -27.78 -18.74
CA ASN G 4 -7.74 -26.78 -17.68
C ASN G 4 -6.94 -27.21 -16.47
N GLU G 5 -6.77 -28.50 -16.31
CA GLU G 5 -6.02 -29.01 -15.18
C GLU G 5 -4.54 -28.68 -15.37
N ILE G 6 -4.08 -28.73 -16.61
CA ILE G 6 -2.69 -28.42 -16.87
C ILE G 6 -2.51 -26.91 -16.72
N LEU G 7 -3.49 -26.14 -17.22
CA LEU G 7 -3.41 -24.69 -17.15
C LEU G 7 -3.45 -24.19 -15.70
N ARG G 8 -4.24 -24.84 -14.86
CA ARG G 8 -4.34 -24.45 -13.46
C ARG G 8 -3.06 -24.79 -12.69
N ARG G 9 -2.46 -25.91 -13.02
CA ARG G 9 -1.19 -26.32 -12.42
C ARG G 9 -0.11 -25.28 -12.83
N GLU G 10 -0.07 -24.96 -14.12
CA GLU G 10 0.90 -23.99 -14.66
C GLU G 10 0.73 -22.64 -13.98
N LEU G 11 -0.52 -22.20 -13.85
CA LEU G 11 -0.83 -20.92 -13.21
C LEU G 11 -0.43 -20.91 -11.75
N ASP G 12 -0.82 -21.97 -11.03
CA ASP G 12 -0.50 -22.08 -9.60
C ASP G 12 1.03 -22.02 -9.41
N ARG G 13 1.80 -22.73 -10.24
CA ARG G 13 3.25 -22.71 -10.08
C ARG G 13 3.88 -21.33 -10.35
N ARG G 15 2.22 -18.43 -9.78
CA ARG G 15 1.70 -17.47 -8.80
C ARG G 15 2.16 -17.64 -7.36
N VAL G 16 2.63 -18.82 -6.99
CA VAL G 16 3.08 -18.99 -5.61
C VAL G 16 4.30 -18.12 -5.38
N PRO G 17 4.45 -17.61 -4.14
CA PRO G 17 5.62 -16.77 -3.87
C PRO G 17 6.91 -17.58 -3.89
N PRO G 18 8.05 -16.92 -4.17
CA PRO G 18 9.35 -17.59 -4.20
C PRO G 18 9.87 -17.73 -2.77
N LEU G 19 10.91 -18.54 -2.61
CA LEU G 19 11.52 -18.72 -1.30
C LEU G 19 12.86 -17.99 -1.28
N ILE G 20 13.17 -17.33 -0.17
CA ILE G 20 14.44 -16.62 -0.04
C ILE G 20 15.52 -17.62 0.35
N VAL G 21 16.68 -17.54 -0.28
CA VAL G 21 17.75 -18.45 0.08
C VAL G 21 18.57 -17.80 1.19
N GLY G 22 18.83 -18.56 2.24
CA GLY G 22 19.60 -18.03 3.34
C GLY G 22 20.58 -19.07 3.87
N THR G 23 21.38 -18.65 4.84
CA THR G 23 22.35 -19.57 5.42
C THR G 23 22.21 -19.57 6.93
N VAL G 24 22.18 -20.75 7.52
CA VAL G 24 22.05 -20.85 8.96
C VAL G 24 23.29 -20.29 9.65
N VAL G 25 23.08 -19.32 10.52
CA VAL G 25 24.17 -18.73 11.27
C VAL G 25 24.30 -19.53 12.56
N ASP G 26 23.20 -19.62 13.30
CA ASP G 26 23.22 -20.33 14.55
C ASP G 26 21.83 -20.77 14.99
N LYS G 27 21.75 -21.95 15.60
CA LYS G 27 20.48 -22.45 16.09
C LYS G 27 20.35 -21.79 17.46
N VAL G 28 19.15 -21.31 17.79
CA VAL G 28 18.94 -20.63 19.06
C VAL G 28 17.91 -21.30 19.96
N GLY G 29 17.06 -22.11 19.35
CA GLY G 29 16.02 -22.81 20.10
C GLY G 29 15.72 -24.09 19.35
N GLU G 30 14.82 -24.90 19.87
CA GLU G 30 14.49 -26.16 19.21
C GLU G 30 13.97 -25.85 17.80
N ARG G 31 13.12 -24.83 17.70
CA ARG G 31 12.51 -24.43 16.44
C ARG G 31 12.82 -22.99 16.08
N LYS G 32 14.00 -22.52 16.45
CA LYS G 32 14.42 -21.16 16.15
C LYS G 32 15.89 -21.13 15.78
N VAL G 33 16.22 -20.36 14.76
CA VAL G 33 17.59 -20.24 14.32
C VAL G 33 17.83 -18.84 13.79
N VAL G 34 19.09 -18.44 13.75
CA VAL G 34 19.44 -17.15 13.20
C VAL G 34 19.92 -17.47 11.80
N VAL G 35 19.35 -16.80 10.80
CA VAL G 35 19.75 -17.05 9.43
C VAL G 35 20.15 -15.76 8.77
N LYS G 36 21.13 -15.85 7.88
CA LYS G 36 21.52 -14.67 7.15
C LYS G 36 20.94 -14.87 5.78
N SER G 37 20.05 -13.96 5.37
CA SER G 37 19.43 -14.12 4.06
C SER G 37 20.21 -13.38 2.99
N SER G 38 20.14 -13.90 1.77
CA SER G 38 20.82 -13.29 0.65
C SER G 38 20.31 -11.86 0.43
N THR G 39 19.21 -11.49 1.09
CA THR G 39 18.68 -10.14 0.97
C THR G 39 19.53 -9.18 1.79
N GLY G 40 20.42 -9.72 2.63
CA GLY G 40 21.29 -8.89 3.44
C GLY G 40 21.29 -9.10 4.95
N PRO G 41 20.21 -8.70 5.63
CA PRO G 41 20.15 -8.87 7.08
C PRO G 41 20.00 -10.29 7.61
N SER G 42 20.20 -10.42 8.91
CA SER G 42 20.06 -11.71 9.55
C SER G 42 18.76 -11.61 10.31
N PHE G 43 18.08 -12.74 10.45
CA PHE G 43 16.83 -12.77 11.18
C PHE G 43 16.75 -13.94 12.14
N LEU G 44 15.95 -13.77 13.20
CA LEU G 44 15.73 -14.86 14.13
C LEU G 44 14.40 -15.37 13.59
N VAL G 45 14.37 -16.62 13.13
CA VAL G 45 13.16 -17.16 12.54
C VAL G 45 12.76 -18.53 13.06
N ASN G 46 11.50 -18.88 12.81
CA ASN G 46 10.98 -20.18 13.19
C ASN G 46 11.38 -21.24 12.17
N VAL G 47 11.30 -22.50 12.58
CA VAL G 47 11.64 -23.62 11.72
C VAL G 47 10.34 -24.40 11.53
N SER G 48 9.94 -24.63 10.28
CA SER G 48 8.70 -25.34 10.05
C SER G 48 8.76 -26.73 10.66
N HIS G 49 7.62 -27.23 11.11
CA HIS G 49 7.55 -28.55 11.71
C HIS G 49 7.97 -29.62 10.73
N PHE G 50 7.94 -29.32 9.44
CA PHE G 50 8.33 -30.28 8.42
C PHE G 50 9.84 -30.34 8.18
N VAL G 51 10.60 -29.53 8.91
CA VAL G 51 12.04 -29.55 8.75
C VAL G 51 12.68 -30.24 9.95
N ASN G 52 13.62 -31.13 9.68
CA ASN G 52 14.29 -31.83 10.77
C ASN G 52 15.40 -30.90 11.27
N PRO G 53 15.20 -30.29 12.45
CA PRO G 53 16.19 -29.37 13.02
C PRO G 53 17.62 -29.89 13.06
N ASP G 54 17.79 -31.18 12.80
CA ASP G 54 19.12 -31.77 12.79
C ASP G 54 19.80 -31.40 11.48
N ASP G 55 18.99 -31.19 10.45
CA ASP G 55 19.52 -30.81 9.15
C ASP G 55 20.00 -29.37 9.18
N LEU G 56 19.84 -28.71 10.32
CA LEU G 56 20.27 -27.32 10.45
C LEU G 56 21.54 -27.24 11.28
N ALA G 57 22.55 -26.63 10.69
CA ALA G 57 23.84 -26.43 11.34
C ALA G 57 24.37 -25.22 10.64
N PRO G 58 25.18 -24.39 11.33
CA PRO G 58 25.71 -23.20 10.69
C PRO G 58 26.36 -23.48 9.32
N GLY G 59 26.08 -22.62 8.35
CA GLY G 59 26.64 -22.82 7.02
C GLY G 59 25.69 -23.53 6.09
N LYS G 60 24.69 -24.18 6.67
CA LYS G 60 23.71 -24.91 5.90
C LYS G 60 22.85 -23.91 5.12
N ARG G 61 22.61 -24.20 3.85
CA ARG G 61 21.78 -23.36 2.99
C ARG G 61 20.31 -23.70 3.20
N VAL G 62 19.50 -22.71 3.54
CA VAL G 62 18.09 -22.96 3.79
C VAL G 62 17.17 -22.10 2.93
N CYS G 63 15.91 -22.52 2.90
CA CYS G 63 14.88 -21.82 2.15
C CYS G 63 13.94 -21.17 3.16
N LEU G 64 13.69 -19.89 2.98
CA LEU G 64 12.82 -19.16 3.88
C LEU G 64 11.55 -18.67 3.20
N ASN G 65 10.43 -18.83 3.90
CA ASN G 65 9.15 -18.36 3.42
C ASN G 65 9.34 -16.85 3.28
N GLN G 66 9.03 -16.31 2.13
CA GLN G 66 9.21 -14.89 1.89
C GLN G 66 8.54 -13.95 2.88
N GLN G 67 7.40 -14.34 3.42
CA GLN G 67 6.68 -13.49 4.35
C GLN G 67 7.08 -13.61 5.85
N THR G 68 7.29 -14.82 6.34
CA THR G 68 7.67 -15.00 7.74
C THR G 68 9.13 -15.35 7.91
N LEU G 69 9.80 -15.67 6.81
CA LEU G 69 11.22 -16.06 6.80
C LEU G 69 11.42 -17.39 7.55
N THR G 70 10.31 -18.07 7.81
CA THR G 70 10.37 -19.36 8.49
C THR G 70 11.16 -20.31 7.62
N VAL G 71 12.02 -21.11 8.25
CA VAL G 71 12.80 -22.08 7.49
C VAL G 71 11.85 -23.20 7.07
N VAL G 72 11.60 -23.31 5.78
CA VAL G 72 10.67 -24.31 5.29
C VAL G 72 11.34 -25.42 4.52
N ASP G 73 12.64 -25.29 4.29
CA ASP G 73 13.36 -26.34 3.59
C ASP G 73 14.85 -26.08 3.62
N VAL G 74 15.61 -27.15 3.40
CA VAL G 74 17.05 -27.07 3.39
C VAL G 74 17.52 -27.40 1.97
N LEU G 75 18.47 -26.64 1.47
CA LEU G 75 18.97 -26.89 0.13
C LEU G 75 19.98 -28.04 0.21
N PRO G 76 20.12 -28.80 -0.89
CA PRO G 76 21.05 -29.93 -0.96
C PRO G 76 22.50 -29.49 -0.78
N LYS H 2 -15.18 -20.04 -21.08
CA LYS H 2 -13.93 -20.47 -21.69
C LYS H 2 -12.85 -20.37 -20.59
N GLU H 3 -12.97 -21.22 -19.57
CA GLU H 3 -12.01 -21.21 -18.49
C GLU H 3 -10.59 -21.33 -19.03
N ASN H 4 -10.40 -22.12 -20.08
CA ASN H 4 -9.08 -22.30 -20.66
C ASN H 4 -8.52 -20.93 -21.10
N GLU H 5 -9.37 -20.11 -21.71
CA GLU H 5 -8.94 -18.78 -22.19
C GLU H 5 -8.64 -17.86 -21.01
N ILE H 6 -9.49 -17.90 -20.01
CA ILE H 6 -9.28 -17.05 -18.84
C ILE H 6 -7.97 -17.41 -18.17
N LEU H 7 -7.70 -18.72 -18.06
CA LEU H 7 -6.45 -19.19 -17.47
C LEU H 7 -5.25 -18.76 -18.32
N ARG H 8 -5.34 -18.96 -19.63
CA ARG H 8 -4.24 -18.58 -20.51
C ARG H 8 -4.00 -17.07 -20.43
N ARG H 9 -5.07 -16.27 -20.39
CA ARG H 9 -4.90 -14.82 -20.27
C ARG H 9 -4.07 -14.50 -19.02
N GLU H 10 -4.32 -15.22 -17.92
CA GLU H 10 -3.59 -14.97 -16.66
C GLU H 10 -2.11 -15.40 -16.80
N LEU H 11 -1.90 -16.49 -17.51
CA LEU H 11 -0.56 -17.00 -17.75
C LEU H 11 0.25 -15.98 -18.55
N ASP H 12 -0.33 -15.51 -19.65
CA ASP H 12 0.36 -14.55 -20.51
C ASP H 12 0.69 -13.25 -19.81
N ARG H 13 -0.18 -12.84 -18.90
CA ARG H 13 0.02 -11.61 -18.17
C ARG H 13 1.22 -11.72 -17.23
N ARG H 15 4.01 -13.15 -18.01
CA ARG H 15 5.27 -13.16 -18.73
C ARG H 15 5.47 -11.92 -19.59
N VAL H 16 4.62 -10.92 -19.42
CA VAL H 16 4.78 -9.71 -20.20
C VAL H 16 5.77 -8.79 -19.49
N PRO H 17 6.61 -8.09 -20.25
CA PRO H 17 7.58 -7.18 -19.64
C PRO H 17 6.82 -6.16 -18.81
N PRO H 18 7.49 -5.54 -17.85
CA PRO H 18 8.90 -5.76 -17.51
C PRO H 18 9.17 -7.03 -16.73
N LEU H 19 10.30 -7.67 -17.02
CA LEU H 19 10.69 -8.88 -16.33
C LEU H 19 12.06 -8.60 -15.70
N ILE H 20 12.31 -9.16 -14.53
CA ILE H 20 13.59 -8.93 -13.88
C ILE H 20 14.58 -9.92 -14.47
N VAL H 21 15.82 -9.47 -14.68
CA VAL H 21 16.85 -10.35 -15.21
C VAL H 21 17.64 -10.97 -14.08
N GLY H 22 17.83 -12.28 -14.13
CA GLY H 22 18.60 -12.94 -13.09
C GLY H 22 19.56 -13.96 -13.67
N THR H 23 20.32 -14.62 -12.80
CA THR H 23 21.28 -15.63 -13.23
C THR H 23 20.96 -16.95 -12.54
N VAL H 24 21.07 -18.06 -13.25
CA VAL H 24 20.84 -19.37 -12.63
C VAL H 24 22.04 -19.76 -11.77
N VAL H 25 21.80 -20.03 -10.49
CA VAL H 25 22.87 -20.46 -9.62
C VAL H 25 23.01 -21.96 -9.81
N ASP H 26 21.87 -22.64 -9.84
CA ASP H 26 21.83 -24.08 -10.06
C ASP H 26 20.41 -24.58 -10.00
N LYS H 27 20.14 -25.63 -10.76
CA LYS H 27 18.83 -26.25 -10.81
C LYS H 27 18.68 -27.10 -9.55
N VAL H 28 17.48 -27.17 -9.01
CA VAL H 28 17.24 -27.96 -7.81
C VAL H 28 16.47 -29.21 -8.19
N GLY H 29 15.56 -29.06 -9.13
CA GLY H 29 14.79 -30.18 -9.62
C GLY H 29 14.60 -29.88 -11.08
N GLU H 30 13.66 -30.54 -11.75
CA GLU H 30 13.49 -30.19 -13.14
C GLU H 30 12.63 -28.94 -13.23
N ARG H 31 11.89 -28.65 -12.15
CA ARG H 31 10.98 -27.51 -12.12
C ARG H 31 11.28 -26.39 -11.11
N LYS H 32 12.41 -26.46 -10.44
CA LYS H 32 12.79 -25.42 -9.48
C LYS H 32 14.24 -25.05 -9.70
N VAL H 33 14.56 -23.79 -9.43
CA VAL H 33 15.91 -23.32 -9.61
C VAL H 33 16.22 -22.15 -8.69
N VAL H 34 17.47 -22.08 -8.26
CA VAL H 34 17.91 -20.99 -7.42
C VAL H 34 18.42 -19.95 -8.39
N VAL H 35 18.00 -18.70 -8.21
CA VAL H 35 18.47 -17.65 -9.09
C VAL H 35 18.93 -16.46 -8.28
N LYS H 36 19.93 -15.78 -8.81
CA LYS H 36 20.42 -14.60 -8.14
C LYS H 36 19.90 -13.44 -8.95
N SER H 37 18.77 -12.92 -8.49
CA SER H 37 18.12 -11.77 -9.12
C SER H 37 19.19 -10.69 -9.29
N SER H 38 19.17 -9.98 -10.41
CA SER H 38 20.17 -8.93 -10.60
C SER H 38 19.88 -7.88 -9.52
N THR H 39 18.76 -8.06 -8.82
CA THR H 39 18.35 -7.15 -7.75
C THR H 39 19.19 -7.37 -6.49
N GLY H 40 19.92 -8.49 -6.43
CA GLY H 40 20.77 -8.75 -5.28
C GLY H 40 20.67 -10.12 -4.62
N PRO H 41 19.59 -10.40 -3.89
CA PRO H 41 19.41 -11.68 -3.20
C PRO H 41 19.15 -12.92 -4.06
N SER H 42 19.33 -14.10 -3.46
CA SER H 42 19.10 -15.37 -4.13
C SER H 42 17.77 -15.97 -3.71
N PHE H 43 17.05 -16.51 -4.67
CA PHE H 43 15.75 -17.10 -4.41
C PHE H 43 15.61 -18.46 -5.04
N LEU H 44 14.81 -19.31 -4.41
CA LEU H 44 14.50 -20.63 -4.97
C LEU H 44 13.17 -20.30 -5.65
N VAL H 45 13.08 -20.47 -6.97
CA VAL H 45 11.86 -20.16 -7.71
C VAL H 45 11.40 -21.31 -8.59
N ASN H 46 10.17 -21.21 -9.06
CA ASN H 46 9.64 -22.23 -9.94
C ASN H 46 9.99 -21.91 -11.38
N VAL H 47 10.29 -22.93 -12.16
CA VAL H 47 10.56 -22.72 -13.58
C VAL H 47 9.20 -22.89 -14.23
N SER H 48 8.73 -21.87 -14.95
CA SER H 48 7.43 -22.00 -15.59
C SER H 48 7.52 -22.93 -16.79
N HIS H 49 6.35 -23.32 -17.32
CA HIS H 49 6.24 -24.22 -18.47
C HIS H 49 6.66 -23.54 -19.79
N PHE H 50 6.94 -22.24 -19.74
CA PHE H 50 7.36 -21.50 -20.93
C PHE H 50 8.83 -21.78 -21.22
N VAL H 51 9.52 -22.37 -20.25
CA VAL H 51 10.93 -22.65 -20.39
C VAL H 51 11.22 -24.15 -20.43
N ASN H 52 12.18 -24.52 -21.28
CA ASN H 52 12.64 -25.89 -21.42
C ASN H 52 13.76 -26.00 -20.36
N PRO H 53 13.55 -26.79 -19.31
CA PRO H 53 14.51 -26.97 -18.22
C PRO H 53 15.97 -27.25 -18.65
N ASP H 54 16.14 -27.93 -19.78
CA ASP H 54 17.47 -28.25 -20.27
C ASP H 54 18.26 -27.02 -20.71
N ASP H 55 17.58 -25.88 -20.84
CA ASP H 55 18.25 -24.65 -21.25
C ASP H 55 18.83 -23.97 -20.02
N LEU H 56 18.48 -24.47 -18.84
CA LEU H 56 18.96 -23.88 -17.59
C LEU H 56 20.22 -24.54 -17.06
N ALA H 57 21.30 -23.77 -17.01
CA ALA H 57 22.57 -24.26 -16.50
C ALA H 57 23.13 -23.18 -15.61
N PRO H 58 23.96 -23.55 -14.63
CA PRO H 58 24.48 -22.47 -13.79
C PRO H 58 25.10 -21.39 -14.68
N GLY H 59 24.91 -20.13 -14.31
CA GLY H 59 25.44 -19.03 -15.11
C GLY H 59 24.51 -18.52 -16.20
N LYS H 60 23.50 -19.30 -16.53
CA LYS H 60 22.55 -18.93 -17.58
C LYS H 60 21.71 -17.72 -17.16
N ARG H 61 21.49 -16.79 -18.08
CA ARG H 61 20.68 -15.59 -17.80
C ARG H 61 19.19 -15.89 -18.02
N VAL H 62 18.33 -15.44 -17.12
CA VAL H 62 16.90 -15.70 -17.24
C VAL H 62 16.04 -14.48 -16.93
N CYS H 63 14.80 -14.54 -17.40
CA CYS H 63 13.82 -13.48 -17.16
C CYS H 63 12.88 -14.00 -16.07
N LEU H 64 12.68 -13.20 -15.04
CA LEU H 64 11.83 -13.55 -13.91
C LEU H 64 10.61 -12.65 -13.78
N ASN H 65 9.47 -13.24 -13.44
CA ASN H 65 8.26 -12.44 -13.27
C ASN H 65 8.58 -11.48 -12.12
N GLN H 66 8.17 -10.22 -12.22
CA GLN H 66 8.50 -9.25 -11.18
C GLN H 66 7.87 -9.45 -9.79
N GLN H 67 6.78 -10.22 -9.72
CA GLN H 67 6.13 -10.44 -8.43
C GLN H 67 6.48 -11.75 -7.75
N THR H 68 6.62 -12.82 -8.52
CA THR H 68 6.91 -14.13 -7.93
C THR H 68 8.29 -14.64 -8.32
N LEU H 69 8.90 -13.95 -9.27
CA LEU H 69 10.22 -14.35 -9.76
C LEU H 69 10.23 -15.71 -10.46
N THR H 70 9.08 -16.19 -10.89
CA THR H 70 9.06 -17.46 -11.60
C THR H 70 9.84 -17.24 -12.91
N VAL H 71 10.63 -18.23 -13.33
CA VAL H 71 11.40 -18.11 -14.57
C VAL H 71 10.44 -18.24 -15.77
N VAL H 72 10.37 -17.21 -16.60
CA VAL H 72 9.46 -17.25 -17.73
C VAL H 72 10.15 -17.32 -19.08
N ASP H 73 11.46 -17.12 -19.08
CA ASP H 73 12.21 -17.20 -20.33
C ASP H 73 13.70 -17.21 -20.04
N VAL H 74 14.48 -17.60 -21.03
CA VAL H 74 15.93 -17.65 -20.92
C VAL H 74 16.49 -16.63 -21.93
N LEU H 75 17.55 -15.93 -21.55
CA LEU H 75 18.15 -14.93 -22.44
C LEU H 75 19.41 -15.44 -23.12
N PRO H 76 19.69 -14.95 -24.34
CA PRO H 76 20.90 -15.40 -25.03
C PRO H 76 22.08 -14.79 -24.28
N GLU H 77 23.24 -15.42 -24.37
CA GLU H 77 24.41 -14.89 -23.68
C GLU H 77 24.92 -13.66 -24.42
N LEU H 78 25.53 -12.74 -23.69
CA LEU H 78 26.05 -11.51 -24.27
C LEU H 78 27.35 -11.70 -25.06
N LYS I 2 1.52 27.19 -26.13
CA LYS I 2 2.28 26.17 -26.83
C LYS I 2 1.64 24.80 -26.64
N GLU I 3 1.77 23.93 -27.64
CA GLU I 3 1.20 22.62 -27.56
C GLU I 3 1.72 21.77 -26.38
N ASN I 4 3.01 21.85 -26.09
CA ASN I 4 3.55 21.07 -24.99
C ASN I 4 3.06 21.63 -23.66
N GLU I 5 2.82 22.94 -23.60
CA GLU I 5 2.30 23.54 -22.38
C GLU I 5 0.85 23.07 -22.17
N ILE I 6 0.08 23.00 -23.25
CA ILE I 6 -1.31 22.52 -23.16
C ILE I 6 -1.28 21.08 -22.65
N LEU I 7 -0.40 20.26 -23.23
CA LEU I 7 -0.27 18.88 -22.82
C LEU I 7 0.14 18.70 -21.35
N ARG I 8 1.05 19.54 -20.85
CA ARG I 8 1.49 19.42 -19.46
C ARG I 8 0.36 19.89 -18.53
N ARG I 9 -0.40 20.88 -18.98
CA ARG I 9 -1.52 21.39 -18.21
C ARG I 9 -2.56 20.28 -18.09
N GLU I 10 -2.85 19.65 -19.22
CA GLU I 10 -3.82 18.57 -19.28
C GLU I 10 -3.39 17.40 -18.41
N LEU I 11 -2.12 17.02 -18.48
CA LEU I 11 -1.63 15.91 -17.66
C LEU I 11 -1.78 16.26 -16.17
N ASP I 12 -1.41 17.48 -15.81
CA ASP I 12 -1.51 17.96 -14.43
C ASP I 12 -2.99 17.91 -13.99
N ARG I 13 -3.88 18.45 -14.82
CA ARG I 13 -5.31 18.45 -14.49
C ARG I 13 -5.95 17.06 -14.40
N ARG I 15 -4.14 14.36 -13.40
CA ARG I 15 -3.44 13.65 -12.31
C ARG I 15 -3.76 14.14 -10.89
N VAL I 16 -4.25 15.36 -10.74
CA VAL I 16 -4.56 15.87 -9.41
C VAL I 16 -5.74 15.10 -8.82
N PRO I 17 -5.69 14.85 -7.50
CA PRO I 17 -6.78 14.12 -6.85
C PRO I 17 -8.09 14.92 -6.84
N PRO I 18 -9.22 14.22 -6.93
CA PRO I 18 -10.50 14.94 -6.92
C PRO I 18 -10.82 15.44 -5.49
N LEU I 19 -11.76 16.36 -5.38
CA LEU I 19 -12.16 16.85 -4.08
C LEU I 19 -13.51 16.24 -3.76
N ILE I 20 -13.68 15.82 -2.51
CA ILE I 20 -14.93 15.23 -2.06
C ILE I 20 -15.96 16.33 -1.75
N VAL I 21 -17.19 16.18 -2.25
CA VAL I 21 -18.20 17.19 -1.95
C VAL I 21 -18.95 16.80 -0.69
N GLY I 22 -19.10 17.78 0.20
CA GLY I 22 -19.81 17.60 1.45
C GLY I 22 -20.70 18.80 1.75
N THR I 23 -21.43 18.73 2.84
CA THR I 23 -22.35 19.79 3.23
C THR I 23 -22.03 20.23 4.66
N VAL I 24 -21.88 21.53 4.83
CA VAL I 24 -21.58 22.10 6.14
C VAL I 24 -22.72 21.82 7.10
N VAL I 25 -22.41 21.26 8.27
CA VAL I 25 -23.46 21.04 9.24
C VAL I 25 -23.43 22.31 10.10
N ASP I 26 -22.25 22.71 10.57
CA ASP I 26 -22.09 23.94 11.34
C ASP I 26 -20.63 24.27 11.65
N LYS I 27 -20.33 25.55 11.76
CA LYS I 27 -18.97 25.99 12.13
C LYS I 27 -18.95 25.82 13.64
N VAL I 28 -17.85 25.28 14.18
CA VAL I 28 -17.79 25.07 15.63
C VAL I 28 -16.62 25.79 16.28
N GLY I 29 -15.82 26.47 15.48
CA GLY I 29 -14.68 27.19 15.99
C GLY I 29 -14.17 28.07 14.88
N GLU I 30 -13.21 28.94 15.20
CA GLU I 30 -12.63 29.88 14.24
C GLU I 30 -12.52 29.36 12.81
N ARG I 31 -11.73 28.33 12.60
CA ARG I 31 -11.57 27.77 11.25
C ARG I 31 -11.85 26.28 11.30
N LYS I 32 -12.92 25.93 12.01
CA LYS I 32 -13.30 24.54 12.20
C LYS I 32 -14.79 24.40 11.95
N VAL I 33 -15.15 23.44 11.11
CA VAL I 33 -16.52 23.19 10.76
C VAL I 33 -16.82 21.69 10.75
N VAL I 34 -18.05 21.35 11.08
CA VAL I 34 -18.46 19.96 11.01
C VAL I 34 -19.10 19.85 9.63
N VAL I 35 -18.65 18.87 8.87
CA VAL I 35 -19.13 18.65 7.50
C VAL I 35 -19.69 17.24 7.31
N LYS I 36 -20.83 17.13 6.64
CA LYS I 36 -21.35 15.81 6.36
C LYS I 36 -20.88 15.51 4.94
N SER I 37 -19.96 14.55 4.84
CA SER I 37 -19.39 14.17 3.56
C SER I 37 -20.36 13.33 2.71
N SER I 38 -20.39 13.57 1.40
CA SER I 38 -21.26 12.79 0.52
C SER I 38 -20.81 11.31 0.50
N THR I 39 -19.61 11.04 1.03
CA THR I 39 -19.12 9.65 1.09
C THR I 39 -19.77 8.93 2.28
N GLY I 40 -20.54 9.64 3.10
CA GLY I 40 -21.21 9.00 4.23
C GLY I 40 -20.99 9.58 5.63
N PRO I 41 -19.78 9.47 6.18
CA PRO I 41 -19.53 10.00 7.53
C PRO I 41 -19.44 11.52 7.65
N SER I 42 -19.46 11.99 8.89
CA SER I 42 -19.36 13.40 9.19
C SER I 42 -18.04 13.60 9.91
N PHE I 43 -17.40 14.73 9.64
CA PHE I 43 -16.11 15.01 10.23
C PHE I 43 -16.06 16.45 10.76
N LEU I 44 -15.13 16.71 11.68
CA LEU I 44 -14.91 18.07 12.18
C LEU I 44 -13.60 18.41 11.49
N VAL I 45 -13.62 19.37 10.57
CA VAL I 45 -12.39 19.67 9.85
C VAL I 45 -11.92 21.10 9.86
N ASN I 46 -10.67 21.29 9.44
CA ASN I 46 -10.09 22.61 9.37
C ASN I 46 -10.60 23.27 8.09
N VAL I 47 -10.53 24.59 8.07
CA VAL I 47 -10.93 25.36 6.89
C VAL I 47 -9.65 25.96 6.35
N SER I 48 -9.35 25.71 5.08
CA SER I 48 -8.15 26.26 4.45
C SER I 48 -8.09 27.77 4.63
N HIS I 49 -6.89 28.30 4.84
CA HIS I 49 -6.74 29.74 5.02
C HIS I 49 -7.26 30.48 3.81
N PHE I 50 -7.24 29.83 2.65
CA PHE I 50 -7.72 30.47 1.45
C PHE I 50 -9.24 30.46 1.22
N VAL I 51 -10.00 29.85 2.14
CA VAL I 51 -11.45 29.85 2.04
C VAL I 51 -11.93 30.89 3.04
N ASN I 52 -12.98 31.62 2.67
CA ASN I 52 -13.54 32.63 3.54
C ASN I 52 -14.51 32.02 4.53
N PRO I 53 -14.10 31.91 5.81
CA PRO I 53 -14.96 31.33 6.85
C PRO I 53 -16.39 31.83 6.79
N ASP I 54 -16.57 33.07 6.33
CA ASP I 54 -17.91 33.65 6.24
C ASP I 54 -18.79 33.09 5.12
N ASP I 55 -18.20 32.37 4.18
CA ASP I 55 -18.98 31.78 3.11
C ASP I 55 -19.46 30.39 3.51
N LEU I 56 -19.24 30.06 4.77
CA LEU I 56 -19.66 28.77 5.30
C LEU I 56 -20.81 29.06 6.23
N ALA I 57 -21.87 28.28 6.07
CA ALA I 57 -23.06 28.40 6.88
C ALA I 57 -23.72 27.04 6.71
N PRO I 58 -24.64 26.67 7.60
CA PRO I 58 -25.29 25.36 7.47
C PRO I 58 -25.91 25.13 6.07
N GLY I 59 -25.59 24.00 5.44
CA GLY I 59 -26.16 23.71 4.13
C GLY I 59 -25.29 24.07 2.95
N LYS I 60 -24.22 24.82 3.18
CA LYS I 60 -23.31 25.23 2.11
C LYS I 60 -22.54 24.02 1.59
N ARG I 61 -22.46 23.84 0.27
CA ARG I 61 -21.73 22.70 -0.28
C ARG I 61 -20.25 23.07 -0.35
N VAL I 62 -19.40 22.22 0.18
CA VAL I 62 -17.99 22.51 0.20
C VAL I 62 -17.19 21.37 -0.41
N CYS I 63 -15.95 21.68 -0.75
CA CYS I 63 -15.04 20.68 -1.32
C CYS I 63 -13.98 20.36 -0.26
N LEU I 64 -13.74 19.07 -0.04
CA LEU I 64 -12.77 18.61 0.92
C LEU I 64 -11.60 17.94 0.23
N ASN I 65 -10.39 18.26 0.69
CA ASN I 65 -9.20 17.67 0.15
C ASN I 65 -9.29 16.21 0.59
N GLN I 66 -8.89 15.29 -0.28
CA GLN I 66 -8.98 13.87 0.02
C GLN I 66 -8.12 13.38 1.17
N GLN I 67 -6.89 13.83 1.23
CA GLN I 67 -6.01 13.38 2.29
C GLN I 67 -6.30 13.94 3.70
N THR I 68 -6.64 15.22 3.80
CA THR I 68 -6.89 15.82 5.11
C THR I 68 -8.34 16.19 5.42
N LEU I 69 -9.19 16.12 4.41
CA LEU I 69 -10.60 16.47 4.54
C LEU I 69 -10.79 17.97 4.80
N THR I 70 -9.70 18.71 4.73
CA THR I 70 -9.74 20.16 4.90
C THR I 70 -10.69 20.76 3.87
N VAL I 71 -11.45 21.78 4.27
CA VAL I 71 -12.34 22.45 3.34
C VAL I 71 -11.44 23.37 2.51
N VAL I 72 -11.29 23.08 1.22
CA VAL I 72 -10.43 23.92 0.40
C VAL I 72 -11.17 24.72 -0.65
N ASP I 73 -12.48 24.59 -0.67
CA ASP I 73 -13.24 25.37 -1.64
C ASP I 73 -14.73 25.25 -1.35
N VAL I 74 -15.48 26.23 -1.84
CA VAL I 74 -16.93 26.30 -1.68
C VAL I 74 -17.62 26.31 -3.05
N LEU I 75 -18.72 25.56 -3.19
CA LEU I 75 -19.43 25.50 -4.45
C LEU I 75 -20.41 26.63 -4.61
N PRO I 76 -20.57 27.13 -5.85
CA PRO I 76 -21.49 28.24 -6.13
C PRO I 76 -22.91 27.79 -5.82
N GLU I 77 -23.80 28.77 -5.63
CA GLU I 77 -25.22 28.52 -5.36
C GLU I 77 -26.03 29.13 -6.48
N LEU I 78 -27.35 28.94 -6.42
CA LEU I 78 -28.26 29.49 -7.43
C LEU I 78 -28.30 31.02 -7.44
N GLU I 79 -28.41 31.58 -8.64
CA GLU I 79 -28.47 33.02 -8.89
C GLU I 79 -27.08 33.66 -8.93
N LYS J 2 11.02 13.18 -27.80
CA LYS J 2 9.62 12.86 -28.09
C LYS J 2 8.70 13.36 -26.98
N GLU J 3 9.06 14.46 -26.31
CA GLU J 3 8.25 14.97 -25.21
C GLU J 3 6.77 15.06 -25.55
N ASN J 4 6.48 15.59 -26.72
CA ASN J 4 5.11 15.75 -27.18
C ASN J 4 4.36 14.41 -27.29
N GLU J 5 5.02 13.37 -27.81
CA GLU J 5 4.42 12.05 -27.97
C GLU J 5 4.38 11.34 -26.65
N ILE J 6 5.40 11.57 -25.81
CA ILE J 6 5.43 10.92 -24.52
C ILE J 6 4.25 11.46 -23.69
N LEU J 7 3.96 12.74 -23.83
CA LEU J 7 2.86 13.35 -23.08
C LEU J 7 1.50 12.83 -23.56
N ARG J 8 1.31 12.79 -24.88
CA ARG J 8 0.08 12.28 -25.48
C ARG J 8 -0.15 10.81 -25.11
N ARG J 9 0.94 10.07 -24.98
CA ARG J 9 0.86 8.67 -24.63
C ARG J 9 0.36 8.54 -23.18
N GLU J 10 0.90 9.36 -22.30
CA GLU J 10 0.49 9.31 -20.91
C GLU J 10 -0.98 9.68 -20.77
N LEU J 11 -1.44 10.66 -21.56
CA LEU J 11 -2.83 11.07 -21.50
C LEU J 11 -3.76 9.95 -21.96
N ASP J 12 -3.36 9.23 -23.00
CA ASP J 12 -4.14 8.12 -23.55
C ASP J 12 -4.32 7.04 -22.51
N ARG J 13 -3.21 6.69 -21.87
CA ARG J 13 -3.19 5.66 -20.84
C ARG J 13 -4.20 5.94 -19.74
N ARG J 15 -7.28 7.21 -20.27
CA ARG J 15 -8.67 7.11 -20.70
C ARG J 15 -9.04 5.72 -21.20
N VAL J 16 -8.21 4.75 -20.83
CA VAL J 16 -8.42 3.36 -21.19
C VAL J 16 -9.24 2.68 -20.07
N PRO J 17 -10.13 1.75 -20.42
CA PRO J 17 -10.95 1.06 -19.42
C PRO J 17 -10.07 0.39 -18.38
N PRO J 18 -10.62 0.09 -17.20
CA PRO J 18 -12.01 0.35 -16.80
C PRO J 18 -12.19 1.80 -16.40
N LEU J 19 -13.37 2.35 -16.67
CA LEU J 19 -13.67 3.72 -16.30
C LEU J 19 -14.89 3.67 -15.39
N ILE J 20 -14.97 4.58 -14.44
CA ILE J 20 -16.11 4.59 -13.54
C ILE J 20 -17.20 5.43 -14.21
N VAL J 21 -18.45 4.97 -14.14
CA VAL J 21 -19.57 5.71 -14.72
C VAL J 21 -20.14 6.68 -13.69
N GLY J 22 -20.36 7.92 -14.10
CA GLY J 22 -20.91 8.88 -13.18
C GLY J 22 -21.97 9.72 -13.86
N THR J 23 -22.60 10.58 -13.07
CA THR J 23 -23.64 11.47 -13.58
C THR J 23 -23.28 12.90 -13.21
N VAL J 24 -23.33 13.78 -14.19
CA VAL J 24 -23.02 15.18 -13.99
C VAL J 24 -24.11 15.84 -13.14
N VAL J 25 -23.72 16.56 -12.10
CA VAL J 25 -24.69 17.27 -11.27
C VAL J 25 -24.77 18.69 -11.84
N ASP J 26 -23.62 19.33 -11.94
CA ASP J 26 -23.54 20.68 -12.49
C ASP J 26 -22.10 21.06 -12.87
N LYS J 27 -21.95 21.92 -13.87
CA LYS J 27 -20.63 22.41 -14.26
C LYS J 27 -20.45 23.61 -13.35
N VAL J 28 -19.25 23.84 -12.86
CA VAL J 28 -19.04 24.98 -11.97
C VAL J 28 -17.93 25.90 -12.44
N GLY J 29 -17.18 25.45 -13.43
CA GLY J 29 -16.10 26.27 -13.95
C GLY J 29 -15.85 25.92 -15.39
N GLU J 30 -14.82 26.51 -15.97
CA GLU J 30 -14.45 26.28 -17.35
C GLU J 30 -14.36 24.78 -17.61
N ARG J 31 -13.54 24.08 -16.84
CA ARG J 31 -13.43 22.64 -17.05
C ARG J 31 -13.49 21.88 -15.74
N LYS J 32 -14.45 22.25 -14.91
CA LYS J 32 -14.68 21.59 -13.64
C LYS J 32 -16.17 21.30 -13.55
N VAL J 33 -16.50 20.13 -13.04
CA VAL J 33 -17.89 19.73 -12.87
C VAL J 33 -18.03 18.94 -11.59
N VAL J 34 -19.24 18.92 -11.07
CA VAL J 34 -19.52 18.10 -9.92
C VAL J 34 -20.20 16.87 -10.51
N VAL J 35 -19.70 15.70 -10.18
CA VAL J 35 -20.30 14.46 -10.68
C VAL J 35 -20.62 13.58 -9.51
N LYS J 36 -21.78 12.92 -9.59
CA LYS J 36 -22.18 11.99 -8.56
C LYS J 36 -21.70 10.66 -9.10
N SER J 37 -20.69 10.10 -8.45
CA SER J 37 -20.13 8.83 -8.86
C SER J 37 -21.06 7.69 -8.51
N SER J 38 -21.10 6.69 -9.39
CA SER J 38 -21.95 5.53 -9.14
C SER J 38 -21.38 4.81 -7.91
N THR J 39 -20.14 5.15 -7.53
CA THR J 39 -19.51 4.55 -6.35
C THR J 39 -20.13 5.11 -5.07
N GLY J 40 -20.97 6.15 -5.20
CA GLY J 40 -21.63 6.72 -4.02
C GLY J 40 -21.54 8.23 -3.79
N PRO J 41 -20.37 8.72 -3.39
CA PRO J 41 -20.21 10.14 -3.13
C PRO J 41 -20.17 11.04 -4.36
N SER J 42 -20.20 12.35 -4.12
CA SER J 42 -20.13 13.34 -5.18
C SER J 42 -18.72 13.94 -5.10
N PHE J 43 -18.20 14.34 -6.26
CA PHE J 43 -16.86 14.90 -6.32
C PHE J 43 -16.75 16.07 -7.27
N LEU J 44 -15.86 17.00 -6.95
CA LEU J 44 -15.60 18.11 -7.87
C LEU J 44 -14.38 17.57 -8.66
N VAL J 45 -14.54 17.42 -9.97
CA VAL J 45 -13.46 16.88 -10.80
C VAL J 45 -13.18 17.75 -12.02
N ASN J 46 -12.02 17.51 -12.65
CA ASN J 46 -11.63 18.23 -13.84
C ASN J 46 -12.18 17.51 -15.07
N VAL J 47 -12.52 18.28 -16.10
CA VAL J 47 -13.04 17.73 -17.34
C VAL J 47 -11.87 17.76 -18.29
N SER J 48 -11.46 16.59 -18.76
CA SER J 48 -10.32 16.52 -19.66
C SER J 48 -10.62 17.20 -21.00
N HIS J 49 -9.56 17.53 -21.74
CA HIS J 49 -9.69 18.15 -23.05
C HIS J 49 -10.34 17.17 -24.04
N PHE J 50 -10.37 15.89 -23.70
CA PHE J 50 -10.97 14.88 -24.57
C PHE J 50 -12.47 15.12 -24.67
N VAL J 51 -12.99 15.84 -23.69
CA VAL J 51 -14.42 16.11 -23.64
C VAL J 51 -14.81 17.53 -23.99
N ASN J 52 -15.84 17.63 -24.82
CA ASN J 52 -16.38 18.93 -25.22
C ASN J 52 -17.32 19.26 -24.06
N PRO J 53 -16.99 20.30 -23.28
CA PRO J 53 -17.82 20.71 -22.15
C PRO J 53 -19.27 21.02 -22.49
N ASP J 54 -19.53 21.33 -23.76
CA ASP J 54 -20.88 21.64 -24.22
C ASP J 54 -21.73 20.38 -24.18
N ASP J 55 -21.08 19.21 -24.22
CA ASP J 55 -21.79 17.93 -24.18
C ASP J 55 -22.05 17.54 -22.73
N LEU J 56 -21.59 18.37 -21.80
CA LEU J 56 -21.81 18.10 -20.38
C LEU J 56 -23.00 18.94 -19.99
N ALA J 57 -23.86 18.34 -19.16
CA ALA J 57 -25.07 18.99 -18.71
C ALA J 57 -25.62 18.17 -17.57
N PRO J 58 -26.30 18.81 -16.61
CA PRO J 58 -26.83 18.02 -15.51
C PRO J 58 -27.61 16.80 -16.01
N GLY J 59 -27.34 15.65 -15.40
CA GLY J 59 -28.01 14.43 -15.79
C GLY J 59 -27.16 13.57 -16.71
N LYS J 60 -26.27 14.21 -17.48
CA LYS J 60 -25.41 13.51 -18.42
C LYS J 60 -24.53 12.42 -17.81
N ARG J 61 -24.55 11.24 -18.43
CA ARG J 61 -23.73 10.12 -17.97
C ARG J 61 -22.30 10.32 -18.50
N VAL J 62 -21.31 10.10 -17.65
CA VAL J 62 -19.92 10.32 -18.08
C VAL J 62 -18.98 9.23 -17.58
N CYS J 63 -17.82 9.12 -18.23
CA CYS J 63 -16.79 8.14 -17.87
C CYS J 63 -15.67 8.84 -17.10
N LEU J 64 -15.36 8.33 -15.91
CA LEU J 64 -14.34 8.89 -15.07
C LEU J 64 -13.10 8.01 -14.92
N ASN J 65 -11.93 8.64 -14.94
CA ASN J 65 -10.69 7.89 -14.75
C ASN J 65 -10.81 7.23 -13.39
N GLN J 66 -10.38 5.98 -13.29
CA GLN J 66 -10.48 5.23 -12.04
C GLN J 66 -9.63 5.74 -10.88
N GLN J 67 -8.61 6.54 -11.16
CA GLN J 67 -7.76 7.02 -10.08
C GLN J 67 -8.01 8.46 -9.62
N THR J 68 -8.44 9.34 -10.53
CA THR J 68 -8.66 10.74 -10.18
C THR J 68 -10.07 11.23 -10.49
N LEU J 69 -10.87 10.36 -11.11
CA LEU J 69 -12.24 10.67 -11.48
C LEU J 69 -12.37 11.80 -12.49
N THR J 70 -11.27 12.14 -13.15
CA THR J 70 -11.32 13.18 -14.16
C THR J 70 -12.28 12.67 -15.25
N VAL J 71 -13.10 13.57 -15.81
CA VAL J 71 -14.06 13.17 -16.84
C VAL J 71 -13.30 12.97 -18.16
N VAL J 72 -13.33 11.75 -18.69
CA VAL J 72 -12.62 11.50 -19.94
C VAL J 72 -13.52 11.14 -21.09
N ASP J 73 -14.81 10.99 -20.84
CA ASP J 73 -15.72 10.65 -21.92
C ASP J 73 -17.17 10.84 -21.51
N VAL J 74 -18.03 10.99 -22.52
CA VAL J 74 -19.46 11.15 -22.32
C VAL J 74 -20.17 9.94 -22.92
N LEU J 75 -21.16 9.41 -22.21
CA LEU J 75 -21.89 8.24 -22.71
C LEU J 75 -23.21 8.58 -23.40
N PRO J 76 -23.61 7.73 -24.37
CA PRO J 76 -24.86 7.91 -25.13
C PRO J 76 -26.09 7.47 -24.34
N LYS K 2 -1.65 37.66 -16.38
CA LYS K 2 -0.40 37.02 -16.88
C LYS K 2 0.25 36.24 -15.74
N GLU K 3 0.63 36.97 -14.70
CA GLU K 3 1.29 36.41 -13.52
C GLU K 3 0.93 34.98 -13.11
N ASN K 4 -0.34 34.72 -12.83
CA ASN K 4 -0.75 33.40 -12.41
C ASN K 4 -0.54 32.36 -13.51
N GLU K 5 -0.68 32.79 -14.76
CA GLU K 5 -0.52 31.89 -15.90
C GLU K 5 0.92 31.45 -16.01
N ILE K 6 1.83 32.36 -15.68
CA ILE K 6 3.25 32.03 -15.72
C ILE K 6 3.60 31.09 -14.57
N LEU K 7 2.99 31.31 -13.41
CA LEU K 7 3.24 30.46 -12.26
C LEU K 7 2.71 29.06 -12.54
N ARG K 8 1.52 29.02 -13.11
CA ARG K 8 0.84 27.77 -13.43
C ARG K 8 1.64 26.90 -14.42
N ARG K 9 2.13 27.50 -15.49
CA ARG K 9 2.90 26.73 -16.47
C ARG K 9 4.13 26.15 -15.82
N GLU K 10 4.73 26.91 -14.91
CA GLU K 10 5.92 26.45 -14.19
C GLU K 10 5.55 25.26 -13.27
N LEU K 11 4.39 25.36 -12.63
CA LEU K 11 3.92 24.30 -11.75
C LEU K 11 3.64 23.04 -12.60
N ASP K 12 3.08 23.22 -13.79
CA ASP K 12 2.81 22.09 -14.68
C ASP K 12 4.08 21.37 -15.06
N ARG K 13 5.16 22.11 -15.32
CA ARG K 13 6.43 21.50 -15.69
C ARG K 13 7.04 20.72 -14.52
N ARG K 15 5.53 19.36 -12.08
CA ARG K 15 4.72 18.21 -11.69
C ARG K 15 4.77 17.00 -12.61
N VAL K 16 5.29 17.17 -13.81
CA VAL K 16 5.37 16.04 -14.71
C VAL K 16 6.24 14.95 -14.09
N PRO K 17 5.76 13.71 -14.08
CA PRO K 17 6.55 12.61 -13.50
C PRO K 17 7.79 12.41 -14.35
N PRO K 18 8.94 12.13 -13.71
CA PRO K 18 10.18 11.94 -14.47
C PRO K 18 10.29 10.56 -15.11
N LEU K 19 11.22 10.45 -16.07
CA LEU K 19 11.48 9.19 -16.73
C LEU K 19 12.74 8.66 -16.10
N ILE K 20 12.89 7.33 -16.10
CA ILE K 20 14.08 6.70 -15.56
C ILE K 20 15.05 6.60 -16.73
N VAL K 21 16.35 6.73 -16.43
CA VAL K 21 17.36 6.62 -17.47
C VAL K 21 18.18 5.39 -17.19
N GLY K 22 18.29 4.55 -18.20
CA GLY K 22 19.05 3.33 -18.07
C GLY K 22 19.92 3.15 -19.30
N THR K 23 20.63 2.04 -19.32
CA THR K 23 21.52 1.74 -20.42
C THR K 23 21.17 0.41 -21.06
N VAL K 24 21.12 0.42 -22.38
CA VAL K 24 20.83 -0.78 -23.14
C VAL K 24 21.97 -1.78 -22.98
N VAL K 25 21.65 -2.96 -22.49
CA VAL K 25 22.61 -4.03 -22.28
C VAL K 25 22.61 -4.92 -23.53
N ASP K 26 21.42 -5.19 -24.05
CA ASP K 26 21.30 -6.08 -25.20
C ASP K 26 19.91 -5.96 -25.83
N LYS K 27 19.88 -6.04 -27.16
CA LYS K 27 18.65 -5.97 -27.91
C LYS K 27 18.37 -7.42 -28.25
N VAL K 28 17.25 -7.96 -27.80
CA VAL K 28 16.97 -9.37 -28.07
C VAL K 28 15.79 -9.66 -28.99
N GLY K 29 15.05 -8.62 -29.34
CA GLY K 29 13.92 -8.76 -30.24
C GLY K 29 13.81 -7.42 -30.91
N GLU K 30 12.91 -7.28 -31.88
CA GLU K 30 12.77 -6.00 -32.55
C GLU K 30 12.26 -4.94 -31.58
N ARG K 31 11.53 -5.35 -30.55
CA ARG K 31 11.01 -4.39 -29.58
C ARG K 31 11.10 -4.86 -28.14
N LYS K 32 12.18 -5.56 -27.82
CA LYS K 32 12.45 -6.06 -26.49
C LYS K 32 13.93 -5.79 -26.27
N VAL K 33 14.28 -5.21 -25.13
CA VAL K 33 15.67 -4.94 -24.82
C VAL K 33 15.90 -5.15 -23.34
N VAL K 34 17.13 -5.49 -23.01
CA VAL K 34 17.53 -5.66 -21.62
C VAL K 34 18.21 -4.32 -21.32
N VAL K 35 17.76 -3.68 -20.24
CA VAL K 35 18.31 -2.40 -19.83
C VAL K 35 18.70 -2.47 -18.36
N LYS K 36 19.70 -1.69 -17.99
CA LYS K 36 20.18 -1.66 -16.62
C LYS K 36 20.17 -0.22 -16.16
N SER K 37 19.80 -0.02 -14.91
CA SER K 37 19.74 1.30 -14.34
C SER K 37 21.07 1.52 -13.67
N SER K 38 21.30 2.76 -13.26
CA SER K 38 22.52 3.11 -12.55
C SER K 38 22.69 2.18 -11.34
N THR K 39 21.58 1.77 -10.75
CA THR K 39 21.57 0.92 -9.56
C THR K 39 22.02 -0.54 -9.64
N GLY K 40 21.99 -1.15 -10.82
CA GLY K 40 22.43 -2.54 -10.91
C GLY K 40 21.47 -3.56 -11.51
N PRO K 41 20.24 -3.71 -11.00
CA PRO K 41 19.34 -4.71 -11.60
C PRO K 41 18.85 -4.41 -13.02
N SER K 42 19.03 -5.39 -13.89
CA SER K 42 18.65 -5.31 -15.28
C SER K 42 17.25 -5.85 -15.47
N PHE K 43 16.57 -5.34 -16.50
CA PHE K 43 15.20 -5.71 -16.83
C PHE K 43 15.03 -5.88 -18.31
N LEU K 44 14.14 -6.81 -18.68
CA LEU K 44 13.82 -7.04 -20.08
C LEU K 44 12.57 -6.18 -20.21
N VAL K 45 12.61 -5.21 -21.11
CA VAL K 45 11.48 -4.30 -21.26
C VAL K 45 10.99 -4.14 -22.70
N ASN K 46 9.78 -3.61 -22.83
CA ASN K 46 9.18 -3.33 -24.13
C ASN K 46 9.71 -1.97 -24.62
N VAL K 47 9.59 -1.75 -25.93
CA VAL K 47 10.00 -0.52 -26.58
C VAL K 47 8.72 -0.02 -27.22
N SER K 48 8.35 1.24 -26.99
CA SER K 48 7.14 1.77 -27.58
C SER K 48 7.22 1.79 -29.10
N HIS K 49 6.05 1.85 -29.71
CA HIS K 49 5.93 1.87 -31.14
C HIS K 49 6.56 3.12 -31.74
N PHE K 50 6.48 4.25 -31.04
CA PHE K 50 7.06 5.46 -31.62
C PHE K 50 8.57 5.57 -31.48
N VAL K 51 9.22 4.50 -31.03
CA VAL K 51 10.68 4.50 -30.92
C VAL K 51 11.20 3.61 -32.05
N ASN K 52 12.19 4.12 -32.77
CA ASN K 52 12.80 3.39 -33.87
C ASN K 52 13.76 2.40 -33.25
N PRO K 53 13.45 1.10 -33.36
CA PRO K 53 14.31 0.08 -32.79
C PRO K 53 15.74 0.15 -33.31
N ASP K 54 15.92 0.79 -34.48
CA ASP K 54 17.24 0.95 -35.07
C ASP K 54 18.13 1.83 -34.20
N ASP K 55 17.51 2.74 -33.44
CA ASP K 55 18.24 3.66 -32.56
C ASP K 55 18.78 2.95 -31.34
N LEU K 56 18.33 1.72 -31.12
CA LEU K 56 18.75 0.95 -29.96
C LEU K 56 19.96 0.10 -30.32
N ALA K 57 20.94 0.11 -29.43
CA ALA K 57 22.16 -0.64 -29.60
C ALA K 57 22.75 -0.74 -28.22
N PRO K 58 23.50 -1.81 -27.94
CA PRO K 58 24.07 -1.88 -26.59
C PRO K 58 24.91 -0.66 -26.23
N GLY K 59 24.73 -0.18 -25.01
CA GLY K 59 25.49 0.97 -24.57
C GLY K 59 24.73 2.27 -24.69
N LYS K 60 23.65 2.30 -25.47
CA LYS K 60 22.89 3.52 -25.59
C LYS K 60 22.03 3.77 -24.36
N ARG K 61 21.78 5.04 -24.09
CA ARG K 61 20.98 5.45 -22.96
C ARG K 61 19.54 5.57 -23.40
N VAL K 62 18.63 5.06 -22.58
CA VAL K 62 17.22 5.10 -22.90
C VAL K 62 16.39 5.67 -21.75
N CYS K 63 15.25 6.26 -22.11
CA CYS K 63 14.33 6.82 -21.14
C CYS K 63 13.20 5.81 -20.96
N LEU K 64 12.94 5.45 -19.71
CA LEU K 64 11.93 4.45 -19.40
C LEU K 64 10.79 5.00 -18.60
N ASN K 65 9.58 4.60 -18.97
CA ASN K 65 8.40 4.98 -18.23
C ASN K 65 8.55 4.39 -16.82
N GLN K 66 8.16 5.16 -15.80
CA GLN K 66 8.27 4.70 -14.41
C GLN K 66 7.55 3.42 -14.00
N GLN K 67 6.41 3.11 -14.61
CA GLN K 67 5.68 1.92 -14.21
C GLN K 67 6.00 0.65 -14.99
N THR K 68 6.09 0.79 -16.30
CA THR K 68 6.35 -0.32 -17.17
C THR K 68 7.82 -0.48 -17.56
N LEU K 69 8.59 0.58 -17.37
CA LEU K 69 10.01 0.56 -17.74
C LEU K 69 10.13 0.48 -19.25
N THR K 70 9.03 0.77 -19.92
CA THR K 70 9.02 0.77 -21.38
C THR K 70 9.89 1.88 -21.96
N VAL K 71 10.72 1.53 -22.93
CA VAL K 71 11.57 2.52 -23.59
C VAL K 71 10.69 3.50 -24.40
N VAL K 72 10.71 4.78 -24.04
CA VAL K 72 9.90 5.75 -24.77
C VAL K 72 10.75 6.76 -25.52
N ASP K 73 12.06 6.73 -25.30
CA ASP K 73 12.99 7.60 -26.01
C ASP K 73 14.41 7.09 -25.89
N VAL K 74 15.25 7.42 -26.87
CA VAL K 74 16.65 7.03 -26.87
C VAL K 74 17.45 8.34 -26.84
N LEU K 75 18.30 8.51 -25.85
CA LEU K 75 19.10 9.72 -25.76
C LEU K 75 20.27 9.64 -26.76
N PRO K 76 20.69 10.80 -27.27
CA PRO K 76 21.79 10.85 -28.22
C PRO K 76 23.12 10.48 -27.56
N GLU K 77 23.95 9.74 -28.29
CA GLU K 77 25.24 9.31 -27.76
C GLU K 77 26.17 10.46 -27.49
N LEU K 78 26.98 10.28 -26.45
CA LEU K 78 27.95 11.27 -26.00
C LEU K 78 29.30 10.98 -26.66
N LYS L 2 -5.86 36.39 -4.72
CA LYS L 2 -5.42 35.36 -3.78
C LYS L 2 -4.92 34.11 -4.49
N GLU L 3 -5.56 33.79 -5.61
CA GLU L 3 -5.18 32.61 -6.39
C GLU L 3 -3.69 32.66 -6.69
N ASN L 4 -3.18 33.88 -6.80
CA ASN L 4 -1.78 34.09 -7.08
C ASN L 4 -0.96 33.58 -5.90
N GLU L 5 -1.42 33.85 -4.69
CA GLU L 5 -0.69 33.43 -3.52
C GLU L 5 -0.78 31.92 -3.35
N ILE L 6 -1.89 31.35 -3.82
CA ILE L 6 -2.07 29.92 -3.72
C ILE L 6 -1.08 29.20 -4.61
N LEU L 7 -0.88 29.73 -5.83
CA LEU L 7 0.06 29.10 -6.75
C LEU L 7 1.47 29.23 -6.18
N ARG L 8 1.77 30.39 -5.59
CA ARG L 8 3.06 30.64 -4.99
C ARG L 8 3.30 29.65 -3.85
N ARG L 9 2.25 29.34 -3.12
CA ARG L 9 2.35 28.40 -2.01
C ARG L 9 2.65 27.01 -2.58
N GLU L 10 1.93 26.65 -3.63
CA GLU L 10 2.16 25.35 -4.26
C GLU L 10 3.59 25.23 -4.76
N LEU L 11 4.13 26.29 -5.35
CA LEU L 11 5.51 26.22 -5.84
C LEU L 11 6.51 26.04 -4.69
N ASP L 12 6.41 26.88 -3.67
CA ASP L 12 7.32 26.80 -2.52
C ASP L 12 7.26 25.45 -1.83
N ARG L 13 6.07 24.88 -1.80
CA ARG L 13 5.86 23.60 -1.18
C ARG L 13 6.72 22.55 -1.85
N ARG L 15 9.77 23.00 -3.03
CA ARG L 15 11.19 23.18 -2.79
C ARG L 15 11.53 23.15 -1.31
N VAL L 16 10.53 22.86 -0.47
CA VAL L 16 10.78 22.79 0.97
C VAL L 16 11.37 21.41 1.30
N PRO L 17 12.25 21.34 2.30
CA PRO L 17 12.81 20.05 2.65
C PRO L 17 11.66 19.10 2.99
N PRO L 18 11.87 17.78 2.90
CA PRO L 18 13.14 17.15 2.50
C PRO L 18 13.33 17.08 0.98
N LEU L 19 14.58 17.28 0.55
CA LEU L 19 14.97 17.22 -0.86
C LEU L 19 16.01 16.12 -0.99
N ILE L 20 15.98 15.41 -2.09
CA ILE L 20 16.92 14.33 -2.35
C ILE L 20 18.13 14.92 -3.04
N VAL L 21 19.31 14.51 -2.62
CA VAL L 21 20.51 15.03 -3.23
C VAL L 21 20.89 14.14 -4.39
N GLY L 22 21.23 14.75 -5.51
CA GLY L 22 21.64 13.98 -6.67
C GLY L 22 22.80 14.67 -7.35
N THR L 23 23.32 14.06 -8.41
CA THR L 23 24.44 14.61 -9.17
C THR L 23 24.04 14.74 -10.62
N VAL L 24 24.36 15.89 -11.21
CA VAL L 24 24.06 16.13 -12.62
C VAL L 24 24.98 15.26 -13.48
N VAL L 25 24.39 14.49 -14.40
CA VAL L 25 25.18 13.65 -15.29
C VAL L 25 25.40 14.50 -16.53
N ASP L 26 24.31 15.02 -17.08
CA ASP L 26 24.38 15.89 -18.26
C ASP L 26 23.04 16.55 -18.62
N LYS L 27 23.12 17.73 -19.23
CA LYS L 27 21.93 18.46 -19.67
C LYS L 27 21.50 17.75 -20.94
N VAL L 28 20.21 17.69 -21.20
CA VAL L 28 19.71 16.99 -22.37
C VAL L 28 18.69 17.75 -23.18
N GLY L 29 17.87 18.56 -22.55
CA GLY L 29 16.90 19.29 -23.34
C GLY L 29 16.99 20.77 -23.14
N GLU L 30 15.87 21.43 -23.36
CA GLU L 30 15.79 22.87 -23.19
C GLU L 30 15.98 23.13 -21.69
N ARG L 31 15.24 22.40 -20.87
CA ARG L 31 15.33 22.54 -19.42
C ARG L 31 15.22 21.19 -18.75
N LYS L 32 16.02 20.25 -19.22
CA LYS L 32 16.06 18.92 -18.70
C LYS L 32 17.48 18.50 -18.45
N VAL L 33 17.63 17.65 -17.44
CA VAL L 33 18.93 17.13 -17.11
C VAL L 33 18.78 15.69 -16.68
N VAL L 34 19.83 14.92 -16.94
CA VAL L 34 19.85 13.55 -16.51
C VAL L 34 20.60 13.67 -15.18
N VAL L 35 20.02 13.15 -14.11
CA VAL L 35 20.67 13.21 -12.80
C VAL L 35 20.76 11.84 -12.17
N LYS L 36 21.87 11.57 -11.51
CA LYS L 36 21.99 10.33 -10.81
C LYS L 36 21.49 10.68 -9.39
N SER L 37 20.39 10.07 -8.98
CA SER L 37 19.82 10.33 -7.66
C SER L 37 20.60 9.59 -6.58
N SER L 38 20.79 10.20 -5.42
CA SER L 38 21.49 9.48 -4.36
C SER L 38 20.63 8.27 -3.93
N THR L 39 19.39 8.18 -4.41
CA THR L 39 18.59 7.02 -4.07
C THR L 39 18.99 5.83 -4.93
N GLY L 40 19.86 6.05 -5.91
CA GLY L 40 20.32 4.94 -6.74
C GLY L 40 20.17 5.08 -8.25
N PRO L 41 18.94 5.03 -8.77
CA PRO L 41 18.78 5.15 -10.23
C PRO L 41 19.00 6.55 -10.81
N SER L 42 19.06 6.62 -12.14
CA SER L 42 19.23 7.90 -12.81
C SER L 42 17.90 8.27 -13.44
N PHE L 43 17.62 9.56 -13.52
CA PHE L 43 16.36 10.03 -14.07
C PHE L 43 16.59 11.22 -15.00
N LEU L 44 15.62 11.46 -15.88
CA LEU L 44 15.60 12.61 -16.77
C LEU L 44 14.58 13.50 -16.07
N VAL L 45 15.04 14.61 -15.51
CA VAL L 45 14.14 15.47 -14.77
C VAL L 45 14.10 16.90 -15.30
N ASN L 46 13.04 17.61 -14.89
CA ASN L 46 12.83 19.00 -15.24
C ASN L 46 13.69 19.90 -14.36
N VAL L 47 14.18 20.99 -14.93
CA VAL L 47 14.98 21.95 -14.17
C VAL L 47 14.00 23.06 -13.87
N SER L 48 13.66 23.25 -12.60
CA SER L 48 12.70 24.30 -12.25
C SER L 48 13.32 25.69 -12.43
N HIS L 49 12.48 26.71 -12.49
CA HIS L 49 13.00 28.05 -12.62
C HIS L 49 13.54 28.64 -11.32
N PHE L 50 13.65 27.81 -10.29
CA PHE L 50 14.22 28.24 -9.02
C PHE L 50 15.72 28.11 -9.19
N VAL L 51 16.12 27.42 -10.25
CA VAL L 51 17.51 27.13 -10.55
C VAL L 51 18.09 27.80 -11.78
N ASN L 52 19.34 28.24 -11.68
CA ASN L 52 20.02 28.87 -12.80
C ASN L 52 20.74 27.77 -13.57
N PRO L 53 20.25 27.43 -14.77
CA PRO L 53 20.84 26.38 -15.62
C PRO L 53 22.33 26.52 -15.89
N ASP L 54 22.89 27.70 -15.68
CA ASP L 54 24.31 27.91 -15.90
C ASP L 54 25.09 27.18 -14.81
N ASP L 55 24.51 27.14 -13.61
CA ASP L 55 25.16 26.47 -12.49
C ASP L 55 25.09 24.96 -12.58
N LEU L 56 24.44 24.45 -13.62
CA LEU L 56 24.33 23.01 -13.81
C LEU L 56 25.41 22.57 -14.78
N ALA L 57 26.18 21.57 -14.37
CA ALA L 57 27.26 21.02 -15.17
C ALA L 57 27.52 19.62 -14.63
N PRO L 58 27.97 18.70 -15.49
CA PRO L 58 28.20 17.36 -14.97
C PRO L 58 28.99 17.39 -13.67
N GLY L 59 28.59 16.56 -12.71
CA GLY L 59 29.28 16.50 -11.45
C GLY L 59 28.71 17.40 -10.37
N LYS L 60 27.95 18.41 -10.79
CA LYS L 60 27.32 19.34 -9.87
C LYS L 60 26.23 18.66 -9.03
N ARG L 61 26.29 18.87 -7.71
CA ARG L 61 25.32 18.27 -6.82
C ARG L 61 24.11 19.18 -6.76
N VAL L 62 22.92 18.59 -6.88
CA VAL L 62 21.65 19.33 -6.87
C VAL L 62 20.61 18.78 -5.90
N CYS L 63 19.57 19.56 -5.63
CA CYS L 63 18.49 19.17 -4.73
C CYS L 63 17.25 18.85 -5.57
N LEU L 64 16.70 17.67 -5.36
CA LEU L 64 15.55 17.22 -6.14
C LEU L 64 14.27 17.12 -5.34
N ASN L 65 13.16 17.59 -5.91
CA ASN L 65 11.87 17.48 -5.24
C ASN L 65 11.63 15.98 -5.01
N GLN L 66 11.23 15.62 -3.80
CA GLN L 66 11.01 14.22 -3.47
C GLN L 66 10.00 13.45 -4.32
N GLN L 67 9.02 14.15 -4.91
CA GLN L 67 8.00 13.47 -5.72
C GLN L 67 8.27 13.39 -7.23
N THR L 68 8.83 14.43 -7.83
CA THR L 68 9.09 14.40 -9.27
C THR L 68 10.56 14.54 -9.60
N LEU L 69 11.36 14.78 -8.57
CA LEU L 69 12.79 14.92 -8.74
C LEU L 69 13.15 16.15 -9.58
N THR L 70 12.22 17.07 -9.77
CA THR L 70 12.55 18.27 -10.52
C THR L 70 13.66 18.96 -9.72
N VAL L 71 14.62 19.56 -10.42
CA VAL L 71 15.75 20.24 -9.79
C VAL L 71 15.27 21.58 -9.26
N VAL L 72 15.26 21.74 -7.94
CA VAL L 72 14.79 22.97 -7.34
C VAL L 72 15.90 23.78 -6.68
N ASP L 73 17.10 23.25 -6.65
CA ASP L 73 18.20 23.98 -6.05
C ASP L 73 19.53 23.31 -6.35
N VAL L 74 20.61 24.05 -6.19
CA VAL L 74 21.93 23.51 -6.45
C VAL L 74 22.78 23.68 -5.21
N LEU L 75 23.57 22.68 -4.86
CA LEU L 75 24.41 22.79 -3.69
C LEU L 75 25.69 23.54 -4.06
N PRO L 76 26.20 24.36 -3.13
CA PRO L 76 27.42 25.12 -3.39
C PRO L 76 28.64 24.26 -3.68
N GLU L 77 29.61 24.84 -4.39
CA GLU L 77 30.87 24.16 -4.73
C GLU L 77 31.87 24.45 -3.62
N LEU L 78 33.00 23.74 -3.59
CA LEU L 78 34.05 23.97 -2.60
C LEU L 78 34.66 25.35 -2.85
N GLU L 79 35.38 25.89 -1.87
CA GLU L 79 36.02 27.20 -2.01
C GLU L 79 37.05 27.23 -3.14
#